data_1H0I
#
_entry.id   1H0I
#
_cell.length_a   55.767
_cell.length_b   103.908
_cell.length_c   186.605
_cell.angle_alpha   90.00
_cell.angle_beta   90.00
_cell.angle_gamma   90.00
#
_symmetry.space_group_name_H-M   'P 21 21 21'
#
loop_
_entity.id
_entity.type
_entity.pdbx_description
1 polymer 'CHITINASE B'
2 polymer ARGIFIN
3 non-polymer GLYCEROL
4 non-polymer 'SULFATE ION'
5 water water
#
loop_
_entity_poly.entity_id
_entity_poly.type
_entity_poly.pdbx_seq_one_letter_code
_entity_poly.pdbx_strand_id
1 'polypeptide(L)'
;MSTRKAVIGYYFIPTNQINNYTETDTSVVPFPVSNITPAKAKQLTHINFSFLDINSNLECAWDPATNDAKARDVVNRLTA
LKAHNPSLRIMFSIGGWYYSNDLGVSHANYVNAVKTPASRTKFAQSCVRIMKDYGFDGVDIDWEYPQAAEVDGFIAALQE
IRTLLNQQTITDGRQALPYQLTIAGAGGAFFLSRYYSKLAQIVAPLDYINLMTYDLAGPWEKVTNHQAALFGDAAGPTFY
NALREANLGWSWEELTRAFPSPFSLTVDAAVQQHLMMEGVPSAKIVMGVPFYGRAFKGVSGGNGGQYSSHSTPGEDPYPS
TDYWLVGCEECVRDKDPRIASYRQLEQMLQGNYGYQRLWNDKTKTPYLYHAQNGLFVTYDDAESFKYKAKYIKQQQLGGV
MFWHLGQDNRNGDLLAALDRYFNAADYDDSQLDMGTGLRYTGVGPGNLPIMTAPAYVPGTTYAQGALVSYQGYVWQTKWG
YITSAPGSDSAWLKVGRVA
;
A,B
2 'polypeptide(L)' (VR0)(MEA)(IAS)(IAS)(DAL) C,D
#
# COMPACT_ATOMS: atom_id res chain seq x y z
N THR A 3 -9.06 11.08 -35.45
CA THR A 3 -9.76 12.37 -35.17
C THR A 3 -8.74 13.47 -34.91
N ARG A 4 -9.09 14.70 -35.25
CA ARG A 4 -8.16 15.82 -35.08
C ARG A 4 -7.74 15.98 -33.62
N LYS A 5 -6.46 16.25 -33.40
CA LYS A 5 -5.96 16.48 -32.04
C LYS A 5 -6.40 17.87 -31.61
N ALA A 6 -6.83 18.02 -30.35
CA ALA A 6 -7.24 19.33 -29.86
C ALA A 6 -6.00 20.20 -29.70
N VAL A 7 -6.17 21.50 -29.89
CA VAL A 7 -5.08 22.47 -29.73
C VAL A 7 -5.79 23.56 -28.93
N ILE A 8 -5.57 23.52 -27.63
CA ILE A 8 -6.22 24.39 -26.68
C ILE A 8 -5.35 25.51 -26.15
N GLY A 9 -5.62 26.73 -26.58
CA GLY A 9 -4.81 27.83 -26.10
C GLY A 9 -5.50 28.68 -25.06
N TYR A 10 -4.93 28.73 -23.86
CA TYR A 10 -5.50 29.59 -22.84
C TYR A 10 -5.18 31.00 -23.33
N TYR A 11 -6.12 31.91 -23.15
CA TYR A 11 -5.92 33.30 -23.53
C TYR A 11 -6.18 34.06 -22.26
N PHE A 12 -5.13 34.65 -21.72
CA PHE A 12 -5.24 35.39 -20.48
C PHE A 12 -5.02 36.87 -20.71
N ILE A 13 -5.93 37.67 -20.18
CA ILE A 13 -5.81 39.11 -20.30
C ILE A 13 -6.13 39.66 -18.92
N PRO A 14 -5.18 40.37 -18.30
CA PRO A 14 -5.36 40.96 -16.97
C PRO A 14 -6.59 41.85 -16.96
N THR A 15 -7.31 41.90 -15.84
CA THR A 15 -8.49 42.74 -15.73
C THR A 15 -8.19 44.20 -16.09
N ASN A 16 -6.98 44.66 -15.79
CA ASN A 16 -6.63 46.04 -16.09
C ASN A 16 -6.52 46.26 -17.58
N GLN A 17 -6.13 45.23 -18.32
CA GLN A 17 -6.00 45.36 -19.77
C GLN A 17 -7.39 45.33 -20.40
N ILE A 18 -8.33 44.66 -19.76
CA ILE A 18 -9.69 44.62 -20.28
C ILE A 18 -10.25 46.04 -20.18
N ASN A 19 -10.19 46.60 -18.97
CA ASN A 19 -10.68 47.95 -18.72
C ASN A 19 -10.02 49.02 -19.59
N ASN A 20 -8.84 48.72 -20.12
CA ASN A 20 -8.12 49.67 -20.96
C ASN A 20 -7.82 49.03 -22.30
N TYR A 21 -8.71 48.14 -22.74
CA TYR A 21 -8.51 47.42 -23.99
C TYR A 21 -8.24 48.31 -25.19
N THR A 22 -7.31 47.87 -26.03
CA THR A 22 -6.94 48.61 -27.23
C THR A 22 -6.11 47.69 -28.10
N GLU A 23 -6.26 47.82 -29.40
CA GLU A 23 -5.51 46.97 -30.31
C GLU A 23 -4.47 47.78 -31.05
N THR A 24 -4.19 48.98 -30.54
CA THR A 24 -3.23 49.85 -31.19
C THR A 24 -2.07 50.33 -30.32
N ASP A 25 -1.91 49.73 -29.14
CA ASP A 25 -0.83 50.13 -28.25
C ASP A 25 -0.30 48.95 -27.41
N THR A 26 0.71 48.27 -27.92
CA THR A 26 1.25 47.12 -27.21
C THR A 26 1.77 47.40 -25.81
N SER A 27 1.97 48.67 -25.48
CA SER A 27 2.45 49.01 -24.13
C SER A 27 1.28 48.99 -23.16
N VAL A 28 0.06 49.01 -23.68
CA VAL A 28 -1.12 48.97 -22.83
C VAL A 28 -1.69 47.56 -22.83
N VAL A 29 -1.84 47.00 -24.03
CA VAL A 29 -2.31 45.63 -24.18
C VAL A 29 -1.26 44.99 -25.09
N PRO A 30 -0.36 44.21 -24.50
CA PRO A 30 0.68 43.56 -25.31
C PRO A 30 0.15 42.63 -26.38
N PHE A 31 -0.91 41.91 -26.07
CA PHE A 31 -1.46 40.95 -27.02
C PHE A 31 -2.98 41.03 -27.16
N PRO A 32 -3.48 42.02 -27.94
CA PRO A 32 -4.92 42.11 -28.10
C PRO A 32 -5.42 40.99 -29.03
N VAL A 33 -6.73 40.76 -29.05
CA VAL A 33 -7.34 39.72 -29.89
C VAL A 33 -6.99 39.81 -31.38
N SER A 34 -6.84 41.04 -31.88
CA SER A 34 -6.51 41.23 -33.28
C SER A 34 -5.24 40.47 -33.67
N ASN A 35 -4.40 40.11 -32.69
CA ASN A 35 -3.18 39.35 -32.99
C ASN A 35 -3.51 37.94 -33.48
N ILE A 36 -4.73 37.51 -33.20
CA ILE A 36 -5.20 36.19 -33.61
C ILE A 36 -5.88 36.31 -34.96
N THR A 37 -5.06 36.31 -36.00
CA THR A 37 -5.52 36.40 -37.37
C THR A 37 -6.35 35.17 -37.73
N PRO A 38 -7.05 35.22 -38.88
CA PRO A 38 -7.86 34.06 -39.30
C PRO A 38 -6.96 32.84 -39.47
N ALA A 39 -5.74 33.07 -39.94
CA ALA A 39 -4.78 31.97 -40.13
C ALA A 39 -4.51 31.28 -38.80
N LYS A 40 -4.45 32.06 -37.72
CA LYS A 40 -4.21 31.48 -36.40
C LYS A 40 -5.50 30.89 -35.80
N ALA A 41 -6.65 31.48 -36.11
CA ALA A 41 -7.88 30.95 -35.58
C ALA A 41 -8.04 29.53 -36.10
N LYS A 42 -7.61 29.28 -37.32
CA LYS A 42 -7.74 27.96 -37.92
C LYS A 42 -6.82 26.91 -37.32
N GLN A 43 -5.74 27.34 -36.68
CA GLN A 43 -4.79 26.42 -36.06
C GLN A 43 -5.20 25.99 -34.65
N LEU A 44 -6.17 26.69 -34.07
CA LEU A 44 -6.67 26.38 -32.73
C LEU A 44 -8.00 25.62 -32.82
N THR A 45 -8.29 24.81 -31.80
CA THR A 45 -9.58 24.11 -31.74
C THR A 45 -10.31 24.72 -30.55
N HIS A 46 -9.54 25.23 -29.58
CA HIS A 46 -10.14 25.85 -28.40
C HIS A 46 -9.28 27.02 -27.92
N ILE A 47 -9.97 28.05 -27.44
CA ILE A 47 -9.34 29.22 -26.82
C ILE A 47 -10.05 29.27 -25.47
N ASN A 48 -9.28 29.15 -24.39
CA ASN A 48 -9.84 29.18 -23.04
C ASN A 48 -9.66 30.59 -22.46
N PHE A 49 -10.73 31.36 -22.49
CA PHE A 49 -10.64 32.71 -21.95
C PHE A 49 -10.40 32.63 -20.46
N SER A 50 -9.40 33.37 -19.98
CA SER A 50 -9.00 33.33 -18.57
C SER A 50 -8.90 34.71 -17.91
N PHE A 51 -9.40 34.87 -16.69
CA PHE A 51 -10.09 33.85 -15.91
C PHE A 51 -11.35 34.46 -15.34
N LEU A 52 -12.34 33.62 -15.07
CA LEU A 52 -13.55 34.08 -14.39
C LEU A 52 -13.30 33.52 -12.99
N ASP A 53 -14.10 33.94 -12.03
CA ASP A 53 -13.88 33.51 -10.64
C ASP A 53 -15.22 33.05 -10.09
N ILE A 54 -15.25 32.78 -8.80
CA ILE A 54 -16.46 32.38 -8.10
C ILE A 54 -16.59 33.36 -6.94
N ASN A 55 -17.62 34.21 -6.98
CA ASN A 55 -17.81 35.20 -5.94
C ASN A 55 -18.38 34.69 -4.61
N SER A 56 -18.71 35.64 -3.74
CA SER A 56 -19.27 35.30 -2.42
C SER A 56 -20.69 34.75 -2.48
N ASN A 57 -21.42 34.99 -3.57
CA ASN A 57 -22.77 34.44 -3.69
C ASN A 57 -22.63 33.00 -4.18
N LEU A 58 -21.39 32.53 -4.23
CA LEU A 58 -21.05 31.18 -4.68
C LEU A 58 -21.50 30.87 -6.11
N GLU A 59 -21.33 31.84 -6.99
CA GLU A 59 -21.70 31.68 -8.39
C GLU A 59 -20.54 32.13 -9.27
N CYS A 60 -20.51 31.61 -10.49
CA CYS A 60 -19.48 31.99 -11.43
C CYS A 60 -19.65 33.48 -11.71
N ALA A 61 -18.55 34.23 -11.77
CA ALA A 61 -18.66 35.66 -12.00
C ALA A 61 -17.35 36.33 -12.36
N TRP A 62 -17.45 37.42 -13.11
CA TRP A 62 -16.27 38.18 -13.50
C TRP A 62 -15.71 38.91 -12.27
N ASP A 63 -14.44 39.27 -12.32
CA ASP A 63 -13.85 40.00 -11.20
C ASP A 63 -14.65 41.29 -11.08
N PRO A 64 -15.12 41.61 -9.86
CA PRO A 64 -15.91 42.83 -9.57
C PRO A 64 -15.39 44.11 -10.18
N ALA A 65 -14.07 44.22 -10.34
CA ALA A 65 -13.45 45.42 -10.91
C ALA A 65 -13.50 45.45 -12.44
N THR A 66 -14.07 44.42 -13.04
CA THR A 66 -14.16 44.34 -14.50
C THR A 66 -15.19 45.27 -15.13
N ASN A 67 -14.75 46.05 -16.12
CA ASN A 67 -15.65 46.93 -16.86
C ASN A 67 -16.38 45.97 -17.80
N ASP A 68 -17.63 45.65 -17.48
CA ASP A 68 -18.42 44.71 -18.27
C ASP A 68 -18.55 44.93 -19.76
N ALA A 69 -18.71 46.18 -20.17
CA ALA A 69 -18.86 46.49 -21.58
C ALA A 69 -17.56 46.16 -22.29
N LYS A 70 -16.44 46.46 -21.64
CA LYS A 70 -15.13 46.17 -22.21
C LYS A 70 -14.95 44.66 -22.30
N ALA A 71 -15.45 43.96 -21.30
CA ALA A 71 -15.34 42.50 -21.24
C ALA A 71 -16.08 41.86 -22.41
N ARG A 72 -17.36 42.18 -22.55
CA ARG A 72 -18.16 41.61 -23.62
C ARG A 72 -17.54 41.92 -24.98
N ASP A 73 -16.95 43.11 -25.11
CA ASP A 73 -16.33 43.49 -26.37
C ASP A 73 -15.16 42.57 -26.70
N VAL A 74 -14.35 42.26 -25.68
CA VAL A 74 -13.19 41.39 -25.88
C VAL A 74 -13.66 39.97 -26.18
N VAL A 75 -14.65 39.50 -25.44
CA VAL A 75 -15.18 38.16 -25.65
C VAL A 75 -15.79 38.06 -27.04
N ASN A 76 -16.56 39.09 -27.42
CA ASN A 76 -17.21 39.10 -28.74
C ASN A 76 -16.18 39.06 -29.85
N ARG A 77 -15.02 39.69 -29.65
CA ARG A 77 -13.98 39.66 -30.66
C ARG A 77 -13.46 38.22 -30.78
N LEU A 78 -13.37 37.53 -29.65
CA LEU A 78 -12.91 36.15 -29.65
C LEU A 78 -13.94 35.25 -30.34
N THR A 79 -15.22 35.40 -30.01
CA THR A 79 -16.24 34.55 -30.65
C THR A 79 -16.41 34.86 -32.13
N ALA A 80 -16.06 36.08 -32.54
CA ALA A 80 -16.16 36.46 -33.94
C ALA A 80 -15.16 35.63 -34.73
N LEU A 81 -14.12 35.14 -34.06
CA LEU A 81 -13.11 34.34 -34.74
C LEU A 81 -13.69 33.04 -35.25
N LYS A 82 -14.81 32.61 -34.67
CA LYS A 82 -15.43 31.35 -35.10
C LYS A 82 -15.88 31.39 -36.55
N ALA A 83 -16.03 32.60 -37.08
CA ALA A 83 -16.43 32.74 -38.48
C ALA A 83 -15.33 32.19 -39.38
N HIS A 84 -14.11 32.09 -38.85
CA HIS A 84 -13.00 31.58 -39.64
C HIS A 84 -12.67 30.10 -39.40
N ASN A 85 -13.33 29.49 -38.41
CA ASN A 85 -13.06 28.10 -38.07
C ASN A 85 -14.30 27.52 -37.39
N PRO A 86 -15.10 26.74 -38.13
CA PRO A 86 -16.33 26.11 -37.63
C PRO A 86 -16.15 25.05 -36.53
N SER A 87 -14.91 24.71 -36.21
CA SER A 87 -14.64 23.75 -35.14
C SER A 87 -14.19 24.48 -33.88
N LEU A 88 -13.86 25.75 -34.02
CA LEU A 88 -13.35 26.51 -32.87
C LEU A 88 -14.40 26.79 -31.80
N ARG A 89 -13.97 26.61 -30.55
CA ARG A 89 -14.79 26.86 -29.37
C ARG A 89 -14.08 27.88 -28.50
N ILE A 90 -14.82 28.88 -28.01
CA ILE A 90 -14.25 29.85 -27.09
C ILE A 90 -14.75 29.42 -25.71
N MET A 91 -13.88 28.79 -24.93
CA MET A 91 -14.26 28.34 -23.60
C MET A 91 -13.95 29.48 -22.63
N PHE A 92 -14.47 29.40 -21.42
CA PHE A 92 -14.07 30.37 -20.41
C PHE A 92 -13.59 29.52 -19.24
N SER A 93 -12.49 29.93 -18.60
CA SER A 93 -11.91 29.21 -17.50
C SER A 93 -12.22 29.90 -16.18
N ILE A 94 -12.68 29.10 -15.23
CA ILE A 94 -13.01 29.58 -13.88
C ILE A 94 -11.86 29.24 -12.94
N GLY A 95 -11.23 30.24 -12.34
CA GLY A 95 -10.16 29.93 -11.41
C GLY A 95 -8.81 30.55 -11.68
N GLY A 96 -7.79 29.69 -11.71
CA GLY A 96 -6.44 30.16 -11.91
C GLY A 96 -5.77 30.19 -10.54
N TRP A 97 -4.45 30.30 -10.52
CA TRP A 97 -3.74 30.32 -9.25
C TRP A 97 -4.16 31.51 -8.38
N TYR A 98 -4.15 32.70 -8.94
CA TYR A 98 -4.52 33.88 -8.16
C TYR A 98 -5.81 33.74 -7.35
N TYR A 99 -6.89 33.33 -8.02
CA TYR A 99 -8.16 33.20 -7.35
C TYR A 99 -8.36 31.97 -6.49
N SER A 100 -7.97 30.81 -7.00
CA SER A 100 -8.21 29.54 -6.32
C SER A 100 -7.18 28.83 -5.47
N ASN A 101 -5.92 29.27 -5.47
CA ASN A 101 -4.94 28.56 -4.66
C ASN A 101 -5.39 28.61 -3.20
N ASP A 102 -4.86 27.70 -2.38
CA ASP A 102 -5.22 27.62 -0.98
C ASP A 102 -5.28 28.93 -0.22
N LEU A 103 -4.42 29.87 -0.57
CA LEU A 103 -4.39 31.17 0.08
C LEU A 103 -4.80 32.26 -0.90
N GLY A 104 -5.53 31.87 -1.94
CA GLY A 104 -5.97 32.82 -2.95
C GLY A 104 -7.09 33.74 -2.48
N VAL A 105 -7.23 34.87 -3.15
CA VAL A 105 -8.25 35.87 -2.82
C VAL A 105 -9.71 35.41 -2.86
N SER A 106 -9.99 34.25 -3.45
CA SER A 106 -11.37 33.75 -3.55
C SER A 106 -11.50 32.28 -3.17
N HIS A 107 -10.45 31.71 -2.60
CA HIS A 107 -10.44 30.29 -2.25
C HIS A 107 -11.66 29.71 -1.56
N ALA A 108 -12.14 30.38 -0.52
CA ALA A 108 -13.30 29.89 0.23
C ALA A 108 -14.55 29.71 -0.64
N ASN A 109 -14.71 30.58 -1.64
CA ASN A 109 -15.86 30.50 -2.54
C ASN A 109 -15.86 29.17 -3.30
N TYR A 110 -14.67 28.69 -3.65
CA TYR A 110 -14.54 27.42 -4.36
C TYR A 110 -14.94 26.25 -3.44
N VAL A 111 -14.39 26.25 -2.24
CA VAL A 111 -14.70 25.19 -1.28
C VAL A 111 -16.20 25.17 -0.94
N ASN A 112 -16.78 26.36 -0.81
CA ASN A 112 -18.19 26.48 -0.48
C ASN A 112 -19.16 26.23 -1.63
N ALA A 113 -18.74 26.58 -2.85
CA ALA A 113 -19.59 26.40 -4.00
C ALA A 113 -19.96 24.93 -4.24
N VAL A 114 -19.02 24.03 -3.96
CA VAL A 114 -19.24 22.60 -4.16
C VAL A 114 -19.64 21.80 -2.92
N LYS A 115 -19.84 22.48 -1.79
CA LYS A 115 -20.19 21.82 -0.54
C LYS A 115 -21.49 21.02 -0.51
N THR A 116 -22.57 21.61 -1.02
CA THR A 116 -23.87 20.96 -1.00
C THR A 116 -24.61 20.84 -2.32
N PRO A 117 -25.62 19.95 -2.39
CA PRO A 117 -26.42 19.74 -3.59
C PRO A 117 -27.00 21.08 -4.03
N ALA A 118 -27.43 21.88 -3.06
CA ALA A 118 -28.00 23.18 -3.35
C ALA A 118 -26.93 24.14 -3.90
N SER A 119 -25.79 24.22 -3.22
CA SER A 119 -24.73 25.11 -3.69
C SER A 119 -24.23 24.61 -5.03
N ARG A 120 -24.17 23.29 -5.20
CA ARG A 120 -23.72 22.72 -6.48
C ARG A 120 -24.69 23.03 -7.60
N THR A 121 -25.98 22.96 -7.32
CA THR A 121 -26.99 23.25 -8.33
C THR A 121 -26.92 24.72 -8.65
N LYS A 122 -26.77 25.55 -7.62
CA LYS A 122 -26.70 26.99 -7.83
C LYS A 122 -25.45 27.38 -8.63
N PHE A 123 -24.32 26.77 -8.30
CA PHE A 123 -23.06 27.05 -8.99
C PHE A 123 -23.11 26.62 -10.45
N ALA A 124 -23.54 25.38 -10.68
CA ALA A 124 -23.67 24.83 -12.03
C ALA A 124 -24.57 25.72 -12.90
N GLN A 125 -25.68 26.18 -12.34
CA GLN A 125 -26.60 27.02 -13.10
C GLN A 125 -25.91 28.33 -13.44
N SER A 126 -25.12 28.87 -12.53
CA SER A 126 -24.43 30.13 -12.85
C SER A 126 -23.42 29.88 -13.96
N CYS A 127 -22.78 28.70 -13.96
CA CYS A 127 -21.82 28.39 -15.02
C CYS A 127 -22.46 28.42 -16.40
N VAL A 128 -23.60 27.76 -16.53
CA VAL A 128 -24.32 27.73 -17.81
C VAL A 128 -24.88 29.12 -18.15
N ARG A 129 -25.31 29.87 -17.13
CA ARG A 129 -25.87 31.20 -17.36
C ARG A 129 -24.79 32.09 -17.93
N ILE A 130 -23.62 32.11 -17.28
CA ILE A 130 -22.50 32.92 -17.77
C ILE A 130 -22.14 32.50 -19.19
N MET A 131 -22.13 31.19 -19.42
CA MET A 131 -21.80 30.66 -20.75
C MET A 131 -22.70 31.23 -21.85
N LYS A 132 -24.01 31.12 -21.68
CA LYS A 132 -24.97 31.61 -22.69
C LYS A 132 -25.03 33.12 -22.72
N ASP A 133 -24.74 33.75 -21.60
CA ASP A 133 -24.80 35.19 -21.53
C ASP A 133 -23.70 35.89 -22.32
N TYR A 134 -22.48 35.42 -22.17
CA TYR A 134 -21.36 36.03 -22.87
C TYR A 134 -21.07 35.38 -24.21
N GLY A 135 -21.77 34.29 -24.50
CA GLY A 135 -21.56 33.62 -25.77
C GLY A 135 -20.42 32.61 -25.83
N PHE A 136 -20.04 32.04 -24.69
CA PHE A 136 -18.97 31.04 -24.63
C PHE A 136 -19.48 29.69 -25.12
N ASP A 137 -18.54 28.79 -25.44
CA ASP A 137 -18.88 27.47 -25.97
C ASP A 137 -18.64 26.30 -25.01
N GLY A 138 -18.25 26.59 -23.79
CA GLY A 138 -17.98 25.53 -22.85
C GLY A 138 -17.39 26.07 -21.57
N VAL A 139 -17.23 25.19 -20.59
CA VAL A 139 -16.72 25.52 -19.27
C VAL A 139 -15.44 24.76 -18.90
N ASP A 140 -14.43 25.49 -18.42
CA ASP A 140 -13.17 24.88 -17.99
C ASP A 140 -13.00 25.25 -16.53
N ILE A 141 -12.74 24.28 -15.68
CA ILE A 141 -12.55 24.58 -14.26
C ILE A 141 -11.07 24.41 -13.95
N ASP A 142 -10.44 25.50 -13.50
CA ASP A 142 -9.02 25.50 -13.16
C ASP A 142 -8.81 25.86 -11.68
N TRP A 143 -9.27 24.97 -10.82
CA TRP A 143 -9.12 25.14 -9.37
C TRP A 143 -7.80 24.49 -8.99
N GLU A 144 -6.87 25.31 -8.53
CA GLU A 144 -5.56 24.82 -8.17
C GLU A 144 -5.31 24.90 -6.65
N TYR A 145 -5.71 23.88 -5.88
CA TYR A 145 -6.40 22.68 -6.36
C TYR A 145 -7.33 22.25 -5.23
N PRO A 146 -8.32 21.40 -5.54
CA PRO A 146 -9.25 20.89 -4.54
C PRO A 146 -8.46 19.95 -3.63
N GLN A 147 -8.71 20.00 -2.32
CA GLN A 147 -8.03 19.13 -1.37
C GLN A 147 -8.84 17.84 -1.36
N ALA A 148 -8.25 16.76 -0.86
CA ALA A 148 -8.92 15.46 -0.83
C ALA A 148 -10.34 15.45 -0.25
N ALA A 149 -10.59 16.26 0.77
CA ALA A 149 -11.90 16.28 1.41
C ALA A 149 -12.98 17.01 0.59
N GLU A 150 -12.54 17.85 -0.33
CA GLU A 150 -13.45 18.62 -1.15
C GLU A 150 -13.65 17.96 -2.51
N VAL A 151 -12.96 16.85 -2.72
CA VAL A 151 -13.05 16.15 -4.00
C VAL A 151 -14.43 15.61 -4.36
N ASP A 152 -15.07 14.90 -3.44
CA ASP A 152 -16.39 14.35 -3.73
C ASP A 152 -17.38 15.45 -4.14
N GLY A 153 -17.25 16.63 -3.55
CA GLY A 153 -18.12 17.74 -3.89
C GLY A 153 -17.75 18.24 -5.29
N PHE A 154 -16.44 18.30 -5.54
CA PHE A 154 -15.89 18.73 -6.82
C PHE A 154 -16.47 17.83 -7.91
N ILE A 155 -16.31 16.53 -7.73
CA ILE A 155 -16.83 15.55 -8.69
C ILE A 155 -18.33 15.76 -8.96
N ALA A 156 -19.10 15.89 -7.88
CA ALA A 156 -20.53 16.08 -8.00
C ALA A 156 -20.84 17.35 -8.75
N ALA A 157 -20.05 18.40 -8.51
CA ALA A 157 -20.26 19.67 -9.21
C ALA A 157 -20.07 19.46 -10.71
N LEU A 158 -18.98 18.79 -11.09
CA LEU A 158 -18.70 18.52 -12.50
C LEU A 158 -19.85 17.70 -13.10
N GLN A 159 -20.33 16.69 -12.38
CA GLN A 159 -21.41 15.88 -12.91
C GLN A 159 -22.64 16.74 -13.18
N GLU A 160 -22.91 17.70 -12.28
CA GLU A 160 -24.06 18.59 -12.42
C GLU A 160 -23.91 19.52 -13.63
N ILE A 161 -22.70 20.04 -13.84
CA ILE A 161 -22.48 20.92 -14.97
C ILE A 161 -22.64 20.12 -16.26
N ARG A 162 -22.14 18.88 -16.25
CA ARG A 162 -22.22 18.01 -17.42
C ARG A 162 -23.69 17.84 -17.80
N THR A 163 -24.51 17.44 -16.83
CA THR A 163 -25.95 17.26 -17.05
C THR A 163 -26.60 18.51 -17.64
N LEU A 164 -26.30 19.68 -17.10
CA LEU A 164 -26.90 20.91 -17.63
C LEU A 164 -26.40 21.27 -19.04
N LEU A 165 -25.12 21.04 -19.29
CA LEU A 165 -24.54 21.34 -20.59
C LEU A 165 -25.15 20.46 -21.66
N ASN A 166 -25.26 19.17 -21.41
CA ASN A 166 -25.85 18.24 -22.39
C ASN A 166 -27.30 18.67 -22.66
N GLN A 167 -27.98 19.19 -21.65
CA GLN A 167 -29.36 19.65 -21.84
C GLN A 167 -29.33 20.87 -22.75
N GLN A 168 -28.43 21.80 -22.45
CA GLN A 168 -28.31 23.03 -23.21
C GLN A 168 -27.94 22.75 -24.67
N THR A 169 -27.04 21.79 -24.89
CA THR A 169 -26.63 21.44 -26.25
C THR A 169 -27.88 21.06 -27.07
N ILE A 170 -28.73 20.20 -26.52
CA ILE A 170 -29.95 19.79 -27.23
C ILE A 170 -30.85 20.99 -27.45
N THR A 171 -31.17 21.71 -26.37
CA THR A 171 -32.00 22.89 -26.45
C THR A 171 -31.50 23.94 -27.44
N ASP A 172 -30.19 23.99 -27.68
CA ASP A 172 -29.67 24.96 -28.63
C ASP A 172 -29.28 24.34 -29.97
N GLY A 173 -29.68 23.08 -30.22
CA GLY A 173 -29.33 22.44 -31.47
C GLY A 173 -27.84 22.39 -31.80
N ARG A 174 -27.00 22.21 -30.79
CA ARG A 174 -25.55 22.20 -31.00
C ARG A 174 -24.94 20.82 -31.13
N GLN A 175 -25.70 19.87 -31.68
CA GLN A 175 -25.20 18.51 -31.83
C GLN A 175 -23.88 18.46 -32.62
N ALA A 176 -23.66 19.44 -33.48
CA ALA A 176 -22.45 19.50 -34.31
C ALA A 176 -21.22 20.02 -33.55
N LEU A 177 -21.47 20.86 -32.55
CA LEU A 177 -20.41 21.46 -31.74
C LEU A 177 -20.97 21.54 -30.32
N PRO A 178 -21.08 20.38 -29.64
CA PRO A 178 -21.61 20.28 -28.27
C PRO A 178 -20.87 21.15 -27.26
N TYR A 179 -21.60 21.67 -26.29
CA TYR A 179 -20.97 22.45 -25.24
C TYR A 179 -20.05 21.48 -24.52
N GLN A 180 -18.87 21.95 -24.11
CA GLN A 180 -17.94 21.04 -23.44
C GLN A 180 -17.60 21.43 -22.01
N LEU A 181 -16.98 20.48 -21.30
CA LEU A 181 -16.57 20.67 -19.91
C LEU A 181 -15.17 20.09 -19.78
N THR A 182 -14.24 20.89 -19.28
CA THR A 182 -12.88 20.43 -19.07
C THR A 182 -12.35 21.02 -17.77
N ILE A 183 -11.18 20.56 -17.34
CA ILE A 183 -10.52 21.13 -16.18
C ILE A 183 -9.03 21.18 -16.52
N ALA A 184 -8.32 22.05 -15.82
CA ALA A 184 -6.87 22.11 -15.95
C ALA A 184 -6.50 21.20 -14.78
N GLY A 185 -5.80 20.10 -15.04
CA GLY A 185 -5.45 19.22 -13.95
C GLY A 185 -3.99 19.36 -13.58
N ALA A 186 -3.58 18.85 -12.42
CA ALA A 186 -2.17 18.94 -12.03
C ALA A 186 -1.29 18.17 -13.00
N GLY A 187 -0.06 18.65 -13.19
CA GLY A 187 0.89 18.00 -14.08
C GLY A 187 2.11 17.48 -13.34
N GLY A 188 2.00 17.43 -12.00
CA GLY A 188 3.06 16.94 -11.12
C GLY A 188 2.42 16.17 -9.96
N ALA A 189 3.06 15.08 -9.55
CA ALA A 189 2.54 14.22 -8.48
C ALA A 189 2.14 14.85 -7.14
N PHE A 190 2.83 15.90 -6.71
CA PHE A 190 2.50 16.50 -5.43
C PHE A 190 1.09 17.06 -5.38
N PHE A 191 0.74 17.92 -6.33
CA PHE A 191 -0.60 18.46 -6.37
C PHE A 191 -1.60 17.40 -6.86
N LEU A 192 -1.13 16.50 -7.71
CA LEU A 192 -1.99 15.45 -8.23
C LEU A 192 -2.47 14.52 -7.11
N SER A 193 -1.62 14.35 -6.10
CA SER A 193 -1.93 13.46 -4.99
C SER A 193 -3.18 13.84 -4.20
N ARG A 194 -3.63 15.08 -4.34
CA ARG A 194 -4.81 15.54 -3.63
C ARG A 194 -6.08 14.85 -4.10
N TYR A 195 -6.16 14.48 -5.37
CA TYR A 195 -7.37 13.85 -5.90
C TYR A 195 -7.14 12.63 -6.76
N TYR A 196 -5.89 12.23 -6.87
CA TYR A 196 -5.49 11.11 -7.69
C TYR A 196 -6.30 9.84 -7.56
N SER A 197 -6.66 9.47 -6.33
CA SER A 197 -7.42 8.25 -6.08
C SER A 197 -8.79 8.25 -6.75
N LYS A 198 -9.30 9.44 -7.05
CA LYS A 198 -10.62 9.54 -7.67
C LYS A 198 -10.59 10.09 -9.10
N LEU A 199 -9.46 9.90 -9.79
CA LEU A 199 -9.30 10.39 -11.17
C LEU A 199 -10.40 9.94 -12.11
N ALA A 200 -10.73 8.65 -12.08
CA ALA A 200 -11.76 8.11 -12.95
C ALA A 200 -13.09 8.85 -12.80
N GLN A 201 -13.44 9.23 -11.58
CA GLN A 201 -14.69 9.93 -11.33
C GLN A 201 -14.56 11.39 -11.75
N ILE A 202 -13.36 11.93 -11.64
CA ILE A 202 -13.15 13.32 -12.02
C ILE A 202 -13.19 13.50 -13.55
N VAL A 203 -12.60 12.55 -14.26
CA VAL A 203 -12.53 12.60 -15.72
C VAL A 203 -13.80 12.17 -16.46
N ALA A 204 -14.66 11.38 -15.81
CA ALA A 204 -15.89 10.91 -16.44
C ALA A 204 -16.76 11.98 -17.09
N PRO A 205 -17.08 13.06 -16.37
CA PRO A 205 -17.92 14.11 -16.96
C PRO A 205 -17.20 15.09 -17.88
N LEU A 206 -15.90 14.87 -18.09
CA LEU A 206 -15.12 15.77 -18.90
C LEU A 206 -14.92 15.31 -20.34
N ASP A 207 -14.69 16.29 -21.21
CA ASP A 207 -14.37 16.04 -22.61
C ASP A 207 -12.85 15.88 -22.62
N TYR A 208 -12.17 16.64 -21.75
CA TYR A 208 -10.70 16.60 -21.63
C TYR A 208 -10.19 17.02 -20.25
N ILE A 209 -9.06 16.46 -19.85
CA ILE A 209 -8.41 16.91 -18.64
C ILE A 209 -7.10 17.50 -19.21
N ASN A 210 -6.90 18.80 -19.01
CA ASN A 210 -5.71 19.46 -19.53
C ASN A 210 -4.61 19.44 -18.47
N LEU A 211 -3.63 18.55 -18.65
CA LEU A 211 -2.56 18.42 -17.67
C LEU A 211 -1.62 19.61 -17.72
N MET A 212 -1.39 20.26 -16.60
CA MET A 212 -0.48 21.40 -16.59
C MET A 212 0.92 20.84 -16.44
N THR A 213 1.39 20.20 -17.50
CA THR A 213 2.69 19.59 -17.46
C THR A 213 3.78 20.59 -17.73
N TYR A 214 3.88 21.57 -16.84
CA TYR A 214 4.90 22.61 -16.86
C TYR A 214 5.08 23.13 -15.41
N ASP A 215 5.97 24.09 -15.20
CA ASP A 215 6.24 24.57 -13.84
C ASP A 215 6.76 23.41 -12.98
N LEU A 216 7.42 22.43 -13.58
CA LEU A 216 7.94 21.29 -12.85
C LEU A 216 9.30 21.63 -12.27
N ALA A 217 9.73 22.88 -12.47
CA ALA A 217 10.99 23.38 -11.95
C ALA A 217 10.86 24.88 -11.79
N GLY A 218 11.62 25.47 -10.89
CA GLY A 218 11.56 26.90 -10.69
C GLY A 218 12.40 27.37 -9.52
N PRO A 219 12.66 28.67 -9.39
CA PRO A 219 13.47 29.23 -8.29
C PRO A 219 13.10 28.75 -6.88
N TRP A 220 11.93 28.12 -6.75
CA TRP A 220 11.51 27.61 -5.45
C TRP A 220 12.18 26.26 -5.13
N GLU A 221 12.86 25.69 -6.12
CA GLU A 221 13.56 24.42 -5.94
C GLU A 221 15.03 24.72 -5.70
N LYS A 222 15.72 23.78 -5.05
CA LYS A 222 17.14 23.93 -4.72
C LYS A 222 18.05 24.00 -5.94
N VAL A 223 17.88 23.08 -6.88
CA VAL A 223 18.72 23.09 -8.08
C VAL A 223 17.93 23.41 -9.34
N THR A 224 18.59 24.10 -10.27
CA THR A 224 17.98 24.46 -11.53
C THR A 224 17.60 23.17 -12.25
N ASN A 225 16.56 23.24 -13.07
CA ASN A 225 16.11 22.07 -13.80
C ASN A 225 15.12 22.48 -14.89
N HIS A 226 14.83 21.57 -15.80
CA HIS A 226 13.89 21.85 -16.88
C HIS A 226 12.46 21.85 -16.32
N GLN A 227 11.66 22.84 -16.68
CA GLN A 227 10.30 22.93 -16.13
C GLN A 227 9.27 22.04 -16.85
N ALA A 228 9.65 21.47 -17.99
CA ALA A 228 8.76 20.60 -18.74
C ALA A 228 9.52 19.54 -19.52
N ALA A 229 10.48 18.87 -18.87
CA ALA A 229 11.24 17.82 -19.56
C ALA A 229 10.23 16.77 -20.02
N LEU A 230 10.36 16.30 -21.27
CA LEU A 230 9.45 15.27 -21.76
C LEU A 230 9.79 13.95 -21.05
N PHE A 231 11.08 13.59 -21.07
CA PHE A 231 11.58 12.38 -20.42
C PHE A 231 12.66 12.76 -19.41
N GLY A 232 13.01 11.81 -18.54
CA GLY A 232 14.00 12.10 -17.52
C GLY A 232 15.46 11.99 -17.90
N ASP A 233 16.26 12.76 -17.18
CA ASP A 233 17.71 12.79 -17.33
C ASP A 233 18.28 12.28 -15.98
N ALA A 234 19.03 11.19 -16.02
CA ALA A 234 19.60 10.61 -14.80
C ALA A 234 20.50 11.59 -14.05
N ALA A 235 21.06 12.57 -14.76
CA ALA A 235 21.92 13.56 -14.13
C ALA A 235 21.16 14.65 -13.39
N GLY A 236 19.87 14.79 -13.67
CA GLY A 236 19.09 15.83 -13.03
C GLY A 236 18.51 15.40 -11.69
N PRO A 237 17.83 16.30 -10.97
CA PRO A 237 17.25 15.94 -9.67
C PRO A 237 16.07 14.98 -9.82
N THR A 238 15.77 14.26 -8.75
CA THR A 238 14.66 13.32 -8.73
C THR A 238 13.81 13.72 -7.54
N PHE A 239 12.59 13.21 -7.48
CA PHE A 239 11.69 13.58 -6.41
C PHE A 239 10.96 12.41 -5.78
N TYR A 240 10.44 12.67 -4.59
CA TYR A 240 9.67 11.70 -3.82
C TYR A 240 8.37 11.48 -4.58
N ASN A 241 7.98 10.24 -4.81
CA ASN A 241 6.74 9.97 -5.53
C ASN A 241 5.55 10.02 -4.58
N ALA A 242 4.96 11.20 -4.46
CA ALA A 242 3.84 11.42 -3.56
C ALA A 242 2.64 10.53 -3.78
N LEU A 243 2.47 10.01 -4.99
CA LEU A 243 1.31 9.18 -5.28
C LEU A 243 1.30 7.87 -4.48
N ARG A 244 2.48 7.38 -4.09
CA ARG A 244 2.50 6.14 -3.32
C ARG A 244 1.83 6.30 -1.94
N GLU A 245 1.55 7.54 -1.56
CA GLU A 245 0.89 7.82 -0.29
C GLU A 245 -0.60 8.14 -0.48
N ALA A 246 -1.12 7.92 -1.68
CA ALA A 246 -2.52 8.20 -1.94
C ALA A 246 -3.44 7.15 -1.33
N ASN A 247 -4.63 7.57 -0.91
CA ASN A 247 -5.57 6.64 -0.32
C ASN A 247 -6.16 5.75 -1.39
N LEU A 248 -5.33 4.83 -1.88
CA LEU A 248 -5.74 3.91 -2.94
C LEU A 248 -6.21 2.55 -2.43
N GLY A 249 -5.72 2.14 -1.27
CA GLY A 249 -6.09 0.84 -0.74
C GLY A 249 -5.31 -0.28 -1.40
N TRP A 250 -4.20 0.05 -2.05
CA TRP A 250 -3.39 -0.96 -2.72
C TRP A 250 -2.36 -1.57 -1.78
N SER A 251 -1.87 -2.75 -2.14
CA SER A 251 -0.88 -3.46 -1.34
C SER A 251 0.47 -2.79 -1.53
N TRP A 252 1.44 -3.16 -0.69
CA TRP A 252 2.78 -2.59 -0.81
C TRP A 252 3.31 -2.87 -2.21
N GLU A 253 3.14 -4.12 -2.64
CA GLU A 253 3.62 -4.57 -3.93
C GLU A 253 3.01 -3.76 -5.08
N GLU A 254 1.71 -3.50 -5.01
CA GLU A 254 1.03 -2.74 -6.05
C GLU A 254 1.50 -1.29 -6.05
N LEU A 255 1.60 -0.70 -4.86
CA LEU A 255 2.04 0.69 -4.73
C LEU A 255 3.45 0.89 -5.28
N THR A 256 4.36 -0.01 -4.92
CA THR A 256 5.75 0.07 -5.36
C THR A 256 5.93 -0.04 -6.87
N ARG A 257 5.16 -0.91 -7.51
CA ARG A 257 5.31 -1.07 -8.94
C ARG A 257 4.63 0.06 -9.71
N ALA A 258 3.59 0.65 -9.14
CA ALA A 258 2.90 1.74 -9.81
C ALA A 258 3.61 3.07 -9.56
N PHE A 259 4.27 3.19 -8.43
CA PHE A 259 4.91 4.44 -8.08
C PHE A 259 6.36 4.37 -7.66
N PRO A 260 7.28 4.16 -8.62
CA PRO A 260 8.69 4.10 -8.17
C PRO A 260 9.12 5.43 -7.56
N SER A 261 9.94 5.38 -6.52
CA SER A 261 10.39 6.59 -5.85
C SER A 261 11.84 6.43 -5.37
N PRO A 262 12.67 7.47 -5.52
CA PRO A 262 12.31 8.76 -6.12
C PRO A 262 12.17 8.62 -7.63
N PHE A 263 11.63 9.63 -8.30
CA PHE A 263 11.45 9.53 -9.75
C PHE A 263 11.71 10.88 -10.43
N SER A 264 11.77 10.85 -11.76
CA SER A 264 11.99 12.06 -12.55
C SER A 264 10.66 12.73 -12.84
N LEU A 265 10.54 13.98 -12.40
CA LEU A 265 9.33 14.81 -12.57
C LEU A 265 9.32 15.34 -14.02
N THR A 266 8.65 14.61 -14.90
CA THR A 266 8.60 14.92 -16.31
C THR A 266 7.19 14.90 -16.84
N VAL A 267 7.03 15.35 -18.09
CA VAL A 267 5.73 15.35 -18.75
C VAL A 267 5.28 13.91 -18.94
N ASP A 268 6.19 13.01 -19.34
CA ASP A 268 5.84 11.60 -19.55
C ASP A 268 5.35 10.96 -18.24
N ALA A 269 5.95 11.35 -17.12
CA ALA A 269 5.55 10.82 -15.81
C ALA A 269 4.09 11.19 -15.52
N ALA A 270 3.74 12.45 -15.74
CA ALA A 270 2.37 12.90 -15.47
C ALA A 270 1.38 12.17 -16.35
N VAL A 271 1.71 12.00 -17.63
CA VAL A 271 0.79 11.32 -18.55
C VAL A 271 0.65 9.85 -18.18
N GLN A 272 1.77 9.20 -17.94
CA GLN A 272 1.72 7.78 -17.56
C GLN A 272 0.99 7.58 -16.24
N GLN A 273 1.14 8.54 -15.31
CA GLN A 273 0.47 8.43 -14.03
C GLN A 273 -1.06 8.45 -14.16
N HIS A 274 -1.56 9.14 -15.18
CA HIS A 274 -3.00 9.20 -15.39
C HIS A 274 -3.45 7.92 -16.09
N LEU A 275 -2.65 7.45 -17.03
CA LEU A 275 -2.99 6.23 -17.77
C LEU A 275 -3.00 4.98 -16.92
N MET A 276 -2.26 5.00 -15.81
CA MET A 276 -2.17 3.86 -14.89
C MET A 276 -3.47 3.60 -14.16
N MET A 277 -4.36 4.58 -14.15
CA MET A 277 -5.63 4.44 -13.45
C MET A 277 -6.72 3.93 -14.39
N GLU A 278 -7.53 3.02 -13.91
CA GLU A 278 -8.59 2.48 -14.75
C GLU A 278 -9.65 3.55 -14.92
N GLY A 279 -10.24 3.60 -16.11
CA GLY A 279 -11.29 4.59 -16.36
C GLY A 279 -10.80 5.97 -16.75
N VAL A 280 -9.54 6.08 -17.16
CA VAL A 280 -9.01 7.37 -17.60
C VAL A 280 -8.53 7.11 -19.02
N PRO A 281 -9.37 7.40 -20.02
CA PRO A 281 -9.01 7.17 -21.43
C PRO A 281 -7.93 8.11 -21.97
N SER A 282 -7.01 7.55 -22.76
CA SER A 282 -5.93 8.35 -23.32
C SER A 282 -6.50 9.52 -24.13
N ALA A 283 -7.60 9.27 -24.81
CA ALA A 283 -8.20 10.32 -25.64
C ALA A 283 -8.66 11.57 -24.89
N LYS A 284 -8.87 11.49 -23.58
CA LYS A 284 -9.31 12.67 -22.83
C LYS A 284 -8.13 13.42 -22.21
N ILE A 285 -6.95 12.82 -22.26
CA ILE A 285 -5.77 13.47 -21.70
C ILE A 285 -5.20 14.45 -22.69
N VAL A 286 -4.95 15.67 -22.23
CA VAL A 286 -4.37 16.69 -23.10
C VAL A 286 -3.07 17.13 -22.44
N MET A 287 -2.00 17.16 -23.21
CA MET A 287 -0.69 17.52 -22.67
C MET A 287 -0.47 19.03 -22.68
N GLY A 288 -0.22 19.61 -21.52
CA GLY A 288 0.01 21.04 -21.53
C GLY A 288 1.47 21.35 -21.81
N VAL A 289 1.72 22.47 -22.49
CA VAL A 289 3.08 22.91 -22.79
C VAL A 289 3.14 24.40 -22.47
N PRO A 290 4.31 24.89 -22.04
CA PRO A 290 4.43 26.33 -21.72
C PRO A 290 4.88 27.18 -22.90
N PHE A 291 4.36 28.40 -22.99
CA PHE A 291 4.76 29.33 -24.03
C PHE A 291 5.62 30.40 -23.36
N TYR A 292 6.26 30.01 -22.25
CA TYR A 292 7.12 30.89 -21.47
C TYR A 292 8.23 30.09 -20.80
N GLY A 293 9.25 30.78 -20.32
CA GLY A 293 10.33 30.10 -19.64
C GLY A 293 10.52 30.65 -18.24
N ARG A 294 11.27 29.92 -17.41
CA ARG A 294 11.57 30.33 -16.05
C ARG A 294 13.09 30.50 -15.95
N ALA A 295 13.51 31.59 -15.32
CA ALA A 295 14.92 31.93 -15.20
C ALA A 295 15.47 31.85 -13.77
N PHE A 296 16.73 31.46 -13.67
CA PHE A 296 17.46 31.34 -12.40
C PHE A 296 18.73 32.19 -12.50
N LYS A 297 19.15 32.80 -11.40
CA LYS A 297 20.37 33.61 -11.40
C LYS A 297 21.38 33.07 -10.41
N GLY A 298 22.65 33.44 -10.61
CA GLY A 298 23.70 32.98 -9.74
C GLY A 298 23.96 31.50 -9.84
N VAL A 299 23.83 30.96 -11.05
CA VAL A 299 24.07 29.53 -11.25
C VAL A 299 25.51 29.29 -11.67
N SER A 300 25.93 28.03 -11.64
CA SER A 300 27.30 27.67 -11.99
C SER A 300 27.38 26.91 -13.32
N GLY A 301 28.48 27.12 -14.04
CA GLY A 301 28.68 26.45 -15.30
C GLY A 301 29.11 25.02 -15.07
N GLY A 302 29.37 24.29 -16.15
CA GLY A 302 29.79 22.91 -16.02
C GLY A 302 28.87 22.01 -16.80
N ASN A 303 27.58 22.32 -16.73
CA ASN A 303 26.58 21.57 -17.46
C ASN A 303 25.61 22.54 -18.08
N GLY A 304 26.13 23.67 -18.54
CA GLY A 304 25.32 24.69 -19.17
C GLY A 304 24.35 25.40 -18.26
N GLY A 305 24.53 25.26 -16.94
CA GLY A 305 23.65 25.92 -16.00
C GLY A 305 22.63 24.96 -15.44
N GLN A 306 22.60 23.74 -15.98
CA GLN A 306 21.65 22.73 -15.54
C GLN A 306 22.00 22.07 -14.19
N TYR A 307 20.99 21.93 -13.35
CA TYR A 307 21.15 21.24 -12.08
C TYR A 307 22.14 21.91 -11.12
N SER A 308 22.31 23.21 -11.26
CA SER A 308 23.22 23.95 -10.41
C SER A 308 22.51 24.63 -9.26
N SER A 309 23.26 24.94 -8.21
CA SER A 309 22.69 25.65 -7.08
C SER A 309 22.53 27.06 -7.66
N HIS A 310 21.70 27.88 -7.03
CA HIS A 310 21.49 29.24 -7.54
C HIS A 310 21.06 30.17 -6.41
N SER A 311 21.04 31.46 -6.72
CA SER A 311 20.66 32.48 -5.74
C SER A 311 19.44 33.26 -6.22
N THR A 312 18.40 32.55 -6.61
CA THR A 312 17.18 33.20 -7.10
C THR A 312 16.10 33.29 -6.01
N PRO A 313 15.68 34.51 -5.66
CA PRO A 313 14.64 34.68 -4.64
C PRO A 313 13.40 33.87 -5.00
N GLY A 314 13.09 32.86 -4.19
CA GLY A 314 11.91 32.04 -4.45
C GLY A 314 10.71 32.73 -3.86
N GLU A 315 10.98 33.88 -3.26
CA GLU A 315 9.97 34.70 -2.61
C GLU A 315 9.05 35.38 -3.63
N ASP A 316 7.79 34.98 -3.63
CA ASP A 316 6.80 35.57 -4.53
C ASP A 316 6.27 36.80 -3.83
N PRO A 317 6.42 37.98 -4.49
CA PRO A 317 6.51 39.28 -5.11
C PRO A 317 7.99 39.65 -5.17
N TYR A 318 8.66 39.08 -6.16
CA TYR A 318 10.07 39.32 -6.38
C TYR A 318 10.58 40.51 -5.58
N PRO A 319 11.52 40.27 -4.66
CA PRO A 319 12.09 41.34 -3.86
C PRO A 319 12.77 42.27 -4.84
N SER A 320 13.53 43.23 -4.34
CA SER A 320 14.27 44.19 -5.16
C SER A 320 13.73 44.57 -6.54
N THR A 321 14.27 45.66 -7.07
CA THR A 321 13.92 46.16 -8.40
C THR A 321 15.14 45.84 -9.25
N ASP A 322 15.84 44.79 -8.83
CA ASP A 322 17.03 44.31 -9.49
C ASP A 322 16.60 43.40 -10.63
N TYR A 323 16.53 43.94 -11.84
CA TYR A 323 16.12 43.12 -12.97
C TYR A 323 17.31 42.51 -13.70
N TRP A 324 17.81 41.44 -13.10
CA TRP A 324 18.96 40.71 -13.60
C TRP A 324 18.78 39.96 -14.91
N LEU A 325 17.54 39.71 -15.33
CA LEU A 325 17.32 38.99 -16.58
C LEU A 325 17.61 39.90 -17.74
N VAL A 326 18.87 39.93 -18.14
CA VAL A 326 19.34 40.75 -19.24
C VAL A 326 18.45 40.65 -20.47
N GLY A 327 18.29 41.78 -21.17
CA GLY A 327 17.50 41.81 -22.37
C GLY A 327 16.00 41.66 -22.23
N CYS A 328 15.55 41.16 -21.10
CA CYS A 328 14.11 40.97 -20.90
C CYS A 328 13.46 42.26 -20.47
N GLU A 329 12.95 43.02 -21.45
CA GLU A 329 12.30 44.29 -21.19
C GLU A 329 10.93 44.04 -20.56
N GLU A 330 10.33 42.91 -20.93
CA GLU A 330 9.03 42.51 -20.43
C GLU A 330 9.11 42.30 -18.91
N CYS A 331 10.21 41.73 -18.45
CA CYS A 331 10.41 41.47 -17.03
C CYS A 331 10.37 42.78 -16.26
N VAL A 332 10.87 43.84 -16.88
CA VAL A 332 10.87 45.16 -16.26
C VAL A 332 9.40 45.61 -16.19
N ARG A 333 8.70 45.49 -17.31
CA ARG A 333 7.31 45.88 -17.36
C ARG A 333 6.47 45.15 -16.31
N ASP A 334 6.73 43.84 -16.13
CA ASP A 334 5.96 43.04 -15.18
C ASP A 334 6.60 42.85 -13.80
N LYS A 335 7.75 43.48 -13.58
CA LYS A 335 8.43 43.40 -12.29
C LYS A 335 8.83 42.00 -11.82
N ASP A 336 9.36 41.16 -12.73
CA ASP A 336 9.78 39.83 -12.33
C ASP A 336 10.70 39.20 -13.36
N PRO A 337 11.99 39.09 -13.04
CA PRO A 337 12.99 38.52 -13.95
C PRO A 337 13.04 36.99 -13.94
N ARG A 338 12.14 36.35 -13.22
CA ARG A 338 12.16 34.89 -13.14
C ARG A 338 11.26 34.22 -14.19
N ILE A 339 10.61 35.04 -15.01
CA ILE A 339 9.72 34.50 -16.02
C ILE A 339 9.65 35.41 -17.25
N ALA A 340 9.64 34.78 -18.42
CA ALA A 340 9.57 35.51 -19.69
C ALA A 340 8.91 34.69 -20.79
N SER A 341 8.07 35.35 -21.56
CA SER A 341 7.34 34.75 -22.67
C SER A 341 8.30 34.28 -23.75
N TYR A 342 7.86 33.31 -24.56
CA TYR A 342 8.72 32.86 -25.64
C TYR A 342 9.04 34.04 -26.57
N ARG A 343 8.08 34.95 -26.74
CA ARG A 343 8.27 36.11 -27.60
C ARG A 343 9.50 36.90 -27.14
N GLN A 344 9.56 37.22 -25.84
CA GLN A 344 10.68 37.97 -25.27
C GLN A 344 11.99 37.19 -25.34
N LEU A 345 11.92 35.90 -25.02
CA LEU A 345 13.11 35.04 -25.04
C LEU A 345 13.72 34.97 -26.44
N GLU A 346 12.88 34.85 -27.45
CA GLU A 346 13.36 34.80 -28.81
C GLU A 346 14.16 36.08 -29.10
N GLN A 347 13.60 37.21 -28.69
CA GLN A 347 14.23 38.51 -28.87
C GLN A 347 15.52 38.67 -28.08
N MET A 348 15.59 38.02 -26.91
CA MET A 348 16.80 38.09 -26.09
C MET A 348 17.90 37.30 -26.79
N LEU A 349 17.50 36.22 -27.44
CA LEU A 349 18.41 35.35 -28.14
C LEU A 349 19.02 36.00 -29.37
N GLN A 350 18.19 36.67 -30.16
CA GLN A 350 18.67 37.33 -31.37
C GLN A 350 19.39 38.64 -31.05
N GLY A 351 19.37 39.01 -29.77
CA GLY A 351 20.07 40.21 -29.37
C GLY A 351 21.51 39.74 -29.17
N ASN A 352 22.30 40.48 -28.43
CA ASN A 352 23.68 40.06 -28.19
C ASN A 352 23.87 40.10 -26.69
N TYR A 353 22.78 39.85 -25.97
CA TYR A 353 22.76 39.87 -24.51
C TYR A 353 23.58 38.79 -23.84
N GLY A 354 24.37 38.05 -24.62
CA GLY A 354 25.19 37.01 -24.04
C GLY A 354 24.46 35.75 -23.57
N TYR A 355 23.57 35.22 -24.42
CA TYR A 355 22.84 34.00 -24.10
C TYR A 355 23.25 32.91 -25.08
N GLN A 356 23.33 31.67 -24.61
CA GLN A 356 23.68 30.56 -25.49
C GLN A 356 22.57 29.52 -25.38
N ARG A 357 21.97 29.16 -26.53
CA ARG A 357 20.91 28.17 -26.51
C ARG A 357 21.51 26.77 -26.57
N LEU A 358 21.20 25.95 -25.57
CA LEU A 358 21.70 24.58 -25.55
C LEU A 358 20.52 23.64 -25.65
N TRP A 359 20.82 22.37 -25.93
CA TRP A 359 19.78 21.36 -26.09
C TRP A 359 20.11 20.12 -25.24
N ASN A 360 19.10 19.60 -24.52
CA ASN A 360 19.30 18.41 -23.70
C ASN A 360 18.60 17.31 -24.49
N ASP A 361 19.37 16.33 -24.94
CA ASP A 361 18.80 15.25 -25.74
C ASP A 361 18.08 14.16 -24.99
N LYS A 362 18.10 14.24 -23.65
CA LYS A 362 17.40 13.25 -22.84
C LYS A 362 15.99 13.78 -22.58
N THR A 363 15.92 15.01 -22.08
CA THR A 363 14.62 15.63 -21.80
C THR A 363 13.95 16.11 -23.08
N LYS A 364 14.75 16.31 -24.13
CA LYS A 364 14.26 16.83 -25.42
C LYS A 364 13.71 18.26 -25.25
N THR A 365 14.44 19.09 -24.52
CA THR A 365 14.05 20.47 -24.31
C THR A 365 15.24 21.40 -24.40
N PRO A 366 15.02 22.66 -24.80
CA PRO A 366 16.11 23.63 -24.90
C PRO A 366 16.26 24.39 -23.60
N TYR A 367 17.34 25.17 -23.49
CA TYR A 367 17.56 26.00 -22.31
C TYR A 367 18.62 27.03 -22.66
N LEU A 368 18.59 28.16 -21.97
CA LEU A 368 19.55 29.22 -22.23
C LEU A 368 20.56 29.31 -21.10
N TYR A 369 21.80 29.60 -21.46
CA TYR A 369 22.86 29.75 -20.48
C TYR A 369 23.59 31.05 -20.77
N HIS A 370 23.68 31.91 -19.76
CA HIS A 370 24.37 33.20 -19.87
C HIS A 370 25.67 32.97 -19.10
N ALA A 371 26.76 32.68 -19.83
CA ALA A 371 28.06 32.43 -19.22
C ALA A 371 28.38 33.53 -18.22
N GLN A 372 28.17 34.77 -18.62
CA GLN A 372 28.40 35.92 -17.74
C GLN A 372 27.15 35.99 -16.88
N ASN A 373 27.19 36.76 -15.80
CA ASN A 373 26.02 36.88 -14.92
C ASN A 373 25.55 35.56 -14.31
N GLY A 374 25.92 34.44 -14.94
CA GLY A 374 25.51 33.14 -14.44
C GLY A 374 24.00 32.98 -14.40
N LEU A 375 23.39 32.87 -15.58
CA LEU A 375 21.94 32.74 -15.68
C LEU A 375 21.54 31.47 -16.44
N PHE A 376 20.39 30.91 -16.06
CA PHE A 376 19.88 29.70 -16.70
C PHE A 376 18.39 29.90 -16.92
N VAL A 377 17.91 29.52 -18.10
CA VAL A 377 16.49 29.66 -18.44
C VAL A 377 15.96 28.35 -19.02
N THR A 378 14.89 27.81 -18.43
CA THR A 378 14.29 26.59 -18.97
C THR A 378 13.05 27.03 -19.72
N TYR A 379 12.88 26.53 -20.94
CA TYR A 379 11.70 26.89 -21.74
C TYR A 379 11.47 25.87 -22.83
N ASP A 380 10.44 26.10 -23.64
CA ASP A 380 10.11 25.20 -24.74
C ASP A 380 10.09 25.99 -26.06
N ASP A 381 10.29 25.30 -27.18
CA ASP A 381 10.25 25.95 -28.47
C ASP A 381 9.72 24.99 -29.52
N ALA A 382 9.78 25.37 -30.78
CA ALA A 382 9.28 24.52 -31.85
C ALA A 382 10.00 23.16 -31.96
N GLU A 383 11.25 23.09 -31.51
CA GLU A 383 11.96 21.81 -31.59
C GLU A 383 11.44 20.85 -30.50
N SER A 384 11.36 21.32 -29.27
CA SER A 384 10.84 20.46 -28.21
C SER A 384 9.39 20.06 -28.53
N PHE A 385 8.66 20.93 -29.23
CA PHE A 385 7.28 20.57 -29.56
C PHE A 385 7.17 19.41 -30.55
N LYS A 386 8.26 19.12 -31.27
CA LYS A 386 8.23 18.00 -32.21
C LYS A 386 8.12 16.67 -31.44
N TYR A 387 8.93 16.56 -30.39
CA TYR A 387 8.91 15.36 -29.56
C TYR A 387 7.59 15.27 -28.79
N LYS A 388 7.16 16.39 -28.20
CA LYS A 388 5.90 16.36 -27.48
C LYS A 388 4.73 16.02 -28.40
N ALA A 389 4.75 16.52 -29.63
CA ALA A 389 3.66 16.21 -30.56
C ALA A 389 3.72 14.73 -30.97
N LYS A 390 4.91 14.21 -31.21
CA LYS A 390 5.02 12.80 -31.59
C LYS A 390 4.52 11.94 -30.43
N TYR A 391 4.90 12.31 -29.21
CA TYR A 391 4.48 11.60 -28.01
C TYR A 391 2.94 11.59 -27.90
N ILE A 392 2.31 12.73 -28.14
CA ILE A 392 0.86 12.85 -28.10
C ILE A 392 0.20 11.87 -29.08
N LYS A 393 0.81 11.69 -30.24
CA LYS A 393 0.27 10.80 -31.25
C LYS A 393 0.48 9.34 -30.90
N GLN A 394 1.69 9.00 -30.46
CA GLN A 394 2.01 7.63 -30.08
C GLN A 394 1.18 7.12 -28.91
N GLN A 395 0.97 7.97 -27.92
CA GLN A 395 0.22 7.60 -26.73
C GLN A 395 -1.28 7.80 -26.91
N GLN A 396 -1.69 8.22 -28.11
CA GLN A 396 -3.08 8.43 -28.41
C GLN A 396 -3.77 9.40 -27.44
N LEU A 397 -3.07 10.49 -27.11
CA LEU A 397 -3.64 11.48 -26.22
C LEU A 397 -4.62 12.35 -27.00
N GLY A 398 -5.47 13.07 -26.29
CA GLY A 398 -6.45 13.93 -26.97
C GLY A 398 -5.89 15.13 -27.73
N GLY A 399 -4.75 15.64 -27.31
CA GLY A 399 -4.19 16.80 -28.00
C GLY A 399 -3.21 17.56 -27.12
N VAL A 400 -3.03 18.85 -27.40
CA VAL A 400 -2.10 19.66 -26.62
C VAL A 400 -2.83 20.91 -26.11
N MET A 401 -2.36 21.46 -25.00
CA MET A 401 -2.94 22.68 -24.45
C MET A 401 -1.74 23.57 -24.13
N PHE A 402 -1.93 24.88 -24.04
CA PHE A 402 -0.79 25.71 -23.69
C PHE A 402 -1.13 26.98 -22.95
N TRP A 403 -0.18 27.39 -22.10
CA TRP A 403 -0.28 28.62 -21.34
C TRP A 403 0.92 29.50 -21.74
N HIS A 404 0.64 30.62 -22.42
CA HIS A 404 -0.70 30.95 -22.89
C HIS A 404 -0.51 31.68 -24.20
N LEU A 405 -1.57 31.74 -24.99
CA LEU A 405 -1.57 32.37 -26.31
C LEU A 405 -0.85 33.69 -26.43
N GLY A 406 -1.05 34.58 -25.46
CA GLY A 406 -0.42 35.89 -25.51
C GLY A 406 1.10 35.92 -25.38
N GLN A 407 1.72 34.75 -25.23
CA GLN A 407 3.18 34.68 -25.08
C GLN A 407 3.91 34.22 -26.34
N ASP A 408 3.16 33.77 -27.34
CA ASP A 408 3.73 33.32 -28.61
C ASP A 408 4.33 34.55 -29.30
N ASN A 409 5.19 34.39 -30.30
CA ASN A 409 5.74 35.57 -30.97
C ASN A 409 4.71 36.12 -31.96
N ARG A 410 4.98 37.29 -32.54
CA ARG A 410 4.05 37.93 -33.46
C ARG A 410 3.66 37.09 -34.66
N ASN A 411 4.59 36.26 -35.14
CA ASN A 411 4.29 35.41 -36.28
C ASN A 411 3.52 34.15 -35.83
N GLY A 412 3.28 34.03 -34.52
CA GLY A 412 2.57 32.86 -34.00
C GLY A 412 3.29 31.55 -34.30
N ASP A 413 4.62 31.56 -34.21
CA ASP A 413 5.41 30.36 -34.49
C ASP A 413 5.13 29.12 -33.64
N LEU A 414 4.96 29.28 -32.32
CA LEU A 414 4.72 28.11 -31.49
C LEU A 414 3.37 27.46 -31.83
N LEU A 415 2.33 28.28 -32.02
CA LEU A 415 1.02 27.73 -32.36
C LEU A 415 1.09 27.04 -33.73
N ALA A 416 1.72 27.70 -34.71
CA ALA A 416 1.87 27.12 -36.05
C ALA A 416 2.59 25.78 -36.01
N ALA A 417 3.62 25.67 -35.16
CA ALA A 417 4.39 24.44 -35.07
C ALA A 417 3.52 23.28 -34.57
N LEU A 418 2.75 23.53 -33.52
CA LEU A 418 1.88 22.49 -32.99
C LEU A 418 0.88 22.04 -34.05
N ASP A 419 0.28 22.99 -34.75
CA ASP A 419 -0.69 22.66 -35.79
C ASP A 419 -0.04 21.87 -36.92
N ARG A 420 1.18 22.28 -37.29
CA ARG A 420 1.94 21.61 -38.35
C ARG A 420 2.23 20.14 -37.99
N TYR A 421 2.72 19.92 -36.77
CA TYR A 421 3.08 18.57 -36.38
C TYR A 421 1.91 17.60 -36.38
N PHE A 422 0.71 18.12 -36.19
CA PHE A 422 -0.47 17.29 -36.18
C PHE A 422 -1.19 17.19 -37.52
N ASN A 423 -1.21 18.27 -38.28
CA ASN A 423 -1.99 18.29 -39.51
C ASN A 423 -1.35 18.59 -40.86
N ALA A 424 -0.10 19.03 -40.90
CA ALA A 424 0.51 19.35 -42.19
C ALA A 424 0.81 18.08 -42.97
N ALA A 425 0.32 18.01 -44.20
CA ALA A 425 0.53 16.85 -45.06
C ALA A 425 2.01 16.67 -45.45
N ASP A 426 2.78 17.77 -45.41
CA ASP A 426 4.20 17.68 -45.76
C ASP A 426 5.19 17.60 -44.60
N TYR A 427 4.67 17.41 -43.38
CA TYR A 427 5.53 17.24 -42.19
C TYR A 427 5.53 15.73 -41.92
N ASP A 428 6.72 15.15 -41.74
CA ASP A 428 6.82 13.72 -41.53
C ASP A 428 7.77 13.40 -40.38
N ASP A 429 7.21 12.96 -39.25
CA ASP A 429 8.05 12.67 -38.09
C ASP A 429 8.31 11.18 -37.85
N SER A 430 8.00 10.35 -38.85
CA SER A 430 8.21 8.92 -38.70
C SER A 430 9.64 8.54 -38.29
N GLN A 431 10.61 9.40 -38.65
CA GLN A 431 12.01 9.16 -38.33
C GLN A 431 12.53 9.89 -37.08
N LEU A 432 11.68 10.72 -36.48
CA LEU A 432 12.06 11.47 -35.28
C LEU A 432 12.38 10.48 -34.16
N ASP A 433 13.59 10.57 -33.62
CA ASP A 433 14.00 9.66 -32.56
C ASP A 433 13.70 10.20 -31.17
N MET A 434 12.90 9.45 -30.42
CA MET A 434 12.48 9.86 -29.08
C MET A 434 13.57 9.78 -27.99
N GLY A 435 14.72 9.19 -28.32
CA GLY A 435 15.83 9.15 -27.39
C GLY A 435 15.86 8.10 -26.28
N THR A 436 16.78 8.31 -25.35
CA THR A 436 16.94 7.38 -24.24
C THR A 436 16.65 7.98 -22.88
N GLY A 437 15.98 9.12 -22.87
CA GLY A 437 15.63 9.75 -21.60
C GLY A 437 14.79 8.76 -20.81
N LEU A 438 14.83 8.89 -19.49
CA LEU A 438 14.10 7.98 -18.61
C LEU A 438 12.59 8.04 -18.77
N ARG A 439 11.98 6.87 -18.96
CA ARG A 439 10.52 6.76 -19.09
C ARG A 439 9.98 6.40 -17.72
N TYR A 440 8.75 6.82 -17.43
CA TYR A 440 8.12 6.49 -16.16
C TYR A 440 7.61 5.06 -16.38
N THR A 441 8.13 4.12 -15.61
CA THR A 441 7.77 2.71 -15.76
C THR A 441 6.66 2.17 -14.86
N GLY A 442 5.99 3.06 -14.13
CA GLY A 442 4.94 2.61 -13.24
C GLY A 442 3.87 1.82 -13.96
N VAL A 443 3.37 0.78 -13.31
CA VAL A 443 2.31 -0.03 -13.89
C VAL A 443 1.16 -0.06 -12.90
N GLY A 444 -0.05 0.20 -13.39
CA GLY A 444 -1.21 0.21 -12.54
C GLY A 444 -2.37 -0.55 -13.15
N PRO A 445 -3.56 -0.51 -12.55
CA PRO A 445 -4.75 -1.21 -13.05
C PRO A 445 -5.15 -0.79 -14.46
N GLY A 446 -4.92 0.48 -14.79
CA GLY A 446 -5.29 0.99 -16.10
C GLY A 446 -4.32 0.71 -17.23
N ASN A 447 -3.09 0.27 -16.95
CA ASN A 447 -2.17 0.01 -18.04
C ASN A 447 -1.43 -1.31 -17.94
N LEU A 448 -2.16 -2.37 -17.60
CA LEU A 448 -1.58 -3.70 -17.50
C LEU A 448 -1.21 -4.15 -18.91
N PRO A 449 -0.04 -4.79 -19.08
CA PRO A 449 0.41 -5.26 -20.38
C PRO A 449 -0.18 -6.63 -20.72
N ILE A 450 -0.35 -6.90 -22.01
CA ILE A 450 -0.88 -8.19 -22.46
C ILE A 450 0.24 -9.21 -22.23
N MET A 451 -0.10 -10.38 -21.68
CA MET A 451 0.93 -11.38 -21.38
C MET A 451 0.75 -12.84 -21.78
N THR A 452 -0.39 -13.43 -21.40
CA THR A 452 -0.73 -14.84 -21.67
C THR A 452 -0.25 -15.83 -20.58
N ALA A 453 -1.17 -16.66 -20.09
CA ALA A 453 -0.87 -17.64 -19.04
C ALA A 453 -1.95 -18.72 -18.93
N PRO A 454 -1.57 -19.91 -18.43
CA PRO A 454 -2.53 -21.01 -18.28
C PRO A 454 -3.65 -20.63 -17.30
N ALA A 455 -4.84 -21.19 -17.52
CA ALA A 455 -5.98 -20.91 -16.65
C ALA A 455 -5.77 -21.51 -15.26
N TYR A 456 -5.95 -20.68 -14.24
CA TYR A 456 -5.81 -21.11 -12.86
C TYR A 456 -6.66 -22.37 -12.62
N VAL A 457 -6.05 -23.39 -12.02
CA VAL A 457 -6.75 -24.65 -11.74
C VAL A 457 -7.07 -24.84 -10.27
N PRO A 458 -8.34 -24.67 -9.89
CA PRO A 458 -8.80 -24.82 -8.50
C PRO A 458 -8.28 -26.10 -7.84
N GLY A 459 -7.72 -25.97 -6.64
CA GLY A 459 -7.20 -27.12 -5.92
C GLY A 459 -5.72 -27.40 -6.16
N THR A 460 -5.14 -26.71 -7.13
CA THR A 460 -3.74 -26.86 -7.50
C THR A 460 -2.86 -25.96 -6.64
N THR A 461 -1.62 -26.39 -6.40
CA THR A 461 -0.68 -25.59 -5.62
C THR A 461 0.43 -25.16 -6.56
N TYR A 462 0.76 -23.87 -6.51
CA TYR A 462 1.80 -23.28 -7.36
C TYR A 462 2.92 -22.72 -6.49
N ALA A 463 4.14 -22.77 -6.99
CA ALA A 463 5.30 -22.24 -6.27
C ALA A 463 5.39 -20.74 -6.48
N GLN A 464 6.50 -20.14 -6.02
CA GLN A 464 6.69 -18.71 -6.18
C GLN A 464 7.04 -18.37 -7.63
N GLY A 465 6.60 -17.21 -8.10
CA GLY A 465 6.89 -16.79 -9.46
C GLY A 465 5.98 -17.34 -10.55
N ALA A 466 5.10 -18.28 -10.20
CA ALA A 466 4.21 -18.87 -11.19
C ALA A 466 3.23 -17.87 -11.79
N LEU A 467 2.88 -18.08 -13.06
CA LEU A 467 1.95 -17.20 -13.77
C LEU A 467 0.70 -17.99 -14.15
N VAL A 468 -0.46 -17.36 -14.06
CA VAL A 468 -1.72 -18.03 -14.40
C VAL A 468 -2.76 -17.01 -14.84
N SER A 469 -3.77 -17.46 -15.58
CA SER A 469 -4.83 -16.55 -16.03
C SER A 469 -6.11 -16.80 -15.23
N TYR A 470 -6.83 -15.71 -14.94
CA TYR A 470 -8.07 -15.80 -14.18
C TYR A 470 -8.86 -14.49 -14.19
N GLN A 471 -10.17 -14.59 -14.37
CA GLN A 471 -11.04 -13.42 -14.40
C GLN A 471 -10.58 -12.40 -15.43
N GLY A 472 -10.01 -12.90 -16.52
CA GLY A 472 -9.54 -12.03 -17.59
C GLY A 472 -8.19 -11.39 -17.33
N TYR A 473 -7.46 -11.90 -16.35
CA TYR A 473 -6.14 -11.34 -16.01
C TYR A 473 -5.08 -12.41 -15.83
N VAL A 474 -3.82 -11.98 -15.78
CA VAL A 474 -2.69 -12.90 -15.56
C VAL A 474 -2.07 -12.55 -14.21
N TRP A 475 -1.83 -13.59 -13.39
CA TRP A 475 -1.29 -13.42 -12.04
C TRP A 475 0.05 -14.09 -11.79
N GLN A 476 0.77 -13.55 -10.80
CA GLN A 476 2.07 -14.08 -10.40
C GLN A 476 2.08 -14.24 -8.87
N THR A 477 2.73 -15.28 -8.36
CA THR A 477 2.79 -15.51 -6.91
C THR A 477 3.89 -14.68 -6.26
N LYS A 478 3.58 -14.11 -5.10
CA LYS A 478 4.54 -13.28 -4.38
C LYS A 478 5.46 -14.11 -3.49
N TRP A 479 5.08 -15.37 -3.24
CA TRP A 479 5.88 -16.28 -2.43
C TRP A 479 5.49 -17.73 -2.75
N GLY A 480 6.11 -18.70 -2.07
CA GLY A 480 5.83 -20.10 -2.37
C GLY A 480 4.70 -20.87 -1.72
N TYR A 481 4.47 -22.07 -2.23
CA TYR A 481 3.44 -22.99 -1.75
C TYR A 481 2.04 -22.40 -1.68
N ILE A 482 1.57 -21.84 -2.80
CA ILE A 482 0.25 -21.21 -2.84
C ILE A 482 -0.89 -22.20 -3.07
N THR A 483 -1.95 -22.08 -2.28
CA THR A 483 -3.09 -22.99 -2.39
C THR A 483 -4.48 -22.38 -2.54
N SER A 484 -4.57 -21.07 -2.69
CA SER A 484 -5.89 -20.48 -2.88
C SER A 484 -5.90 -19.74 -4.20
N ALA A 485 -7.08 -19.26 -4.60
CA ALA A 485 -7.22 -18.60 -5.89
C ALA A 485 -7.03 -17.10 -5.97
N PRO A 486 -6.60 -16.60 -7.14
CA PRO A 486 -6.36 -15.19 -7.42
C PRO A 486 -7.59 -14.36 -7.06
N GLY A 487 -7.38 -13.22 -6.43
CA GLY A 487 -8.50 -12.40 -6.04
C GLY A 487 -9.06 -12.96 -4.75
N SER A 488 -8.62 -14.16 -4.41
CA SER A 488 -9.03 -14.82 -3.18
C SER A 488 -7.84 -15.26 -2.33
N ASP A 489 -6.64 -14.86 -2.73
CA ASP A 489 -5.42 -15.17 -1.97
C ASP A 489 -4.41 -14.08 -2.23
N SER A 490 -4.09 -13.34 -1.19
CA SER A 490 -3.15 -12.23 -1.26
C SER A 490 -1.77 -12.60 -1.78
N ALA A 491 -1.50 -13.89 -1.95
CA ALA A 491 -0.20 -14.32 -2.45
C ALA A 491 -0.05 -14.07 -3.96
N TRP A 492 -1.15 -13.73 -4.63
CA TRP A 492 -1.13 -13.49 -6.07
C TRP A 492 -1.11 -12.01 -6.42
N LEU A 493 -0.26 -11.65 -7.37
CA LEU A 493 -0.17 -10.27 -7.84
C LEU A 493 -0.66 -10.22 -9.29
N LYS A 494 -1.66 -9.37 -9.55
CA LYS A 494 -2.17 -9.22 -10.91
C LYS A 494 -1.09 -8.49 -11.70
N VAL A 495 -0.51 -9.14 -12.69
CA VAL A 495 0.57 -8.50 -13.47
C VAL A 495 0.29 -8.29 -14.95
N GLY A 496 -0.82 -8.80 -15.45
CA GLY A 496 -1.13 -8.63 -16.86
C GLY A 496 -2.57 -8.93 -17.23
N ARG A 497 -2.94 -8.57 -18.46
CA ARG A 497 -4.29 -8.81 -18.96
C ARG A 497 -4.23 -9.63 -20.22
N VAL A 498 -5.25 -10.47 -20.42
CA VAL A 498 -5.36 -11.34 -21.60
C VAL A 498 -4.05 -12.08 -21.91
N ALA A 499 -4.08 -12.93 -22.82
N THR B 3 -0.61 -12.41 37.94
CA THR B 3 -1.54 -13.47 37.44
C THR B 3 -0.77 -14.69 36.92
N ARG B 4 -1.22 -15.88 37.29
CA ARG B 4 -0.55 -17.10 36.85
C ARG B 4 -0.49 -17.19 35.32
N LYS B 5 0.66 -17.60 34.80
CA LYS B 5 0.81 -17.72 33.36
C LYS B 5 0.14 -19.03 32.94
N ALA B 6 -0.55 -19.00 31.80
CA ALA B 6 -1.20 -20.21 31.34
C ALA B 6 -0.11 -21.15 30.82
N VAL B 7 -0.36 -22.45 30.92
CA VAL B 7 0.55 -23.46 30.41
C VAL B 7 -0.45 -24.40 29.74
N ILE B 8 -0.55 -24.24 28.43
CA ILE B 8 -1.49 -24.96 27.59
C ILE B 8 -0.82 -26.01 26.73
N GLY B 9 -1.08 -27.28 27.04
CA GLY B 9 -0.46 -28.34 26.28
C GLY B 9 -1.45 -29.04 25.39
N TYR B 10 -1.22 -29.03 24.08
CA TYR B 10 -2.11 -29.76 23.18
C TYR B 10 -1.81 -31.24 23.43
N TYR B 11 -2.82 -32.08 23.43
CA TYR B 11 -2.60 -33.51 23.60
C TYR B 11 -3.17 -34.19 22.37
N PHE B 12 -2.29 -34.64 21.48
CA PHE B 12 -2.74 -35.30 20.26
C PHE B 12 -2.60 -36.81 20.30
N ILE B 13 -3.67 -37.51 19.94
CA ILE B 13 -3.63 -38.98 19.88
C ILE B 13 -4.38 -39.40 18.62
N PRO B 14 -3.69 -40.12 17.72
CA PRO B 14 -4.32 -40.56 16.46
C PRO B 14 -5.60 -41.33 16.69
N THR B 15 -6.51 -41.23 15.74
CA THR B 15 -7.77 -41.93 15.82
C THR B 15 -7.48 -43.42 16.00
N ASN B 16 -6.51 -43.91 15.25
CA ASN B 16 -6.16 -45.33 15.34
C ASN B 16 -5.70 -45.69 16.74
N GLN B 17 -5.00 -44.78 17.42
CA GLN B 17 -4.55 -45.06 18.77
C GLN B 17 -5.73 -45.01 19.77
N ILE B 18 -6.73 -44.19 19.51
CA ILE B 18 -7.90 -44.17 20.39
C ILE B 18 -8.64 -45.52 20.27
N ASN B 19 -8.82 -45.97 19.03
CA ASN B 19 -9.53 -47.24 18.78
C ASN B 19 -8.80 -48.46 19.32
N ASN B 20 -7.51 -48.32 19.62
CA ASN B 20 -6.72 -49.42 20.15
C ASN B 20 -6.03 -48.95 21.42
N TYR B 21 -6.66 -48.02 22.12
CA TYR B 21 -6.09 -47.45 23.33
C TYR B 21 -5.67 -48.46 24.38
N THR B 22 -4.44 -48.31 24.86
CA THR B 22 -3.89 -49.15 25.92
C THR B 22 -2.80 -48.36 26.63
N GLU B 23 -2.61 -48.62 27.92
CA GLU B 23 -1.59 -47.90 28.68
C GLU B 23 -0.45 -48.81 29.08
N THR B 24 -0.32 -49.93 28.39
CA THR B 24 0.73 -50.90 28.73
C THR B 24 1.53 -51.36 27.51
N ASP B 25 1.47 -50.59 26.43
CA ASP B 25 2.19 -50.95 25.21
C ASP B 25 2.56 -49.71 24.41
N THR B 26 3.71 -49.12 24.68
CA THR B 26 4.12 -47.92 23.96
C THR B 26 4.27 -48.10 22.45
N SER B 27 4.32 -49.34 21.97
CA SER B 27 4.44 -49.53 20.53
C SER B 27 3.08 -49.26 19.87
N VAL B 28 2.00 -49.37 20.64
CA VAL B 28 0.66 -49.12 20.12
C VAL B 28 0.25 -47.68 20.48
N VAL B 29 0.37 -47.32 21.76
CA VAL B 29 0.07 -45.96 22.19
C VAL B 29 1.34 -45.44 22.87
N PRO B 30 2.21 -44.74 22.13
CA PRO B 30 3.46 -44.19 22.66
C PRO B 30 3.35 -43.35 23.91
N PHE B 31 2.29 -42.54 24.00
CA PHE B 31 2.14 -41.67 25.16
C PHE B 31 0.71 -41.70 25.70
N PRO B 32 0.38 -42.70 26.55
CA PRO B 32 -0.96 -42.83 27.15
C PRO B 32 -1.16 -41.76 28.22
N VAL B 33 -2.42 -41.45 28.53
CA VAL B 33 -2.74 -40.43 29.53
C VAL B 33 -2.14 -40.74 30.91
N SER B 34 -1.91 -42.02 31.19
CA SER B 34 -1.36 -42.42 32.46
C SER B 34 0.03 -41.82 32.69
N ASN B 35 0.66 -41.29 31.63
CA ASN B 35 1.97 -40.66 31.79
C ASN B 35 1.82 -39.35 32.55
N ILE B 36 0.61 -38.79 32.54
CA ILE B 36 0.34 -37.55 33.25
C ILE B 36 -0.09 -37.86 34.67
N THR B 37 0.84 -37.66 35.60
CA THR B 37 0.59 -37.94 37.01
C THR B 37 0.00 -36.72 37.67
N PRO B 38 -0.43 -36.86 38.93
CA PRO B 38 -1.01 -35.71 39.63
C PRO B 38 -0.03 -34.54 39.63
N ALA B 39 1.26 -34.85 39.68
CA ALA B 39 2.31 -33.83 39.70
C ALA B 39 2.29 -33.06 38.41
N LYS B 40 2.29 -33.78 37.29
CA LYS B 40 2.27 -33.12 35.99
C LYS B 40 0.95 -32.39 35.76
N ALA B 41 -0.16 -32.96 36.26
CA ALA B 41 -1.45 -32.32 36.09
C ALA B 41 -1.40 -30.92 36.70
N LYS B 42 -0.73 -30.79 37.83
CA LYS B 42 -0.62 -29.48 38.51
C LYS B 42 0.22 -28.48 37.73
N GLN B 43 1.07 -28.97 36.82
CA GLN B 43 1.93 -28.09 36.04
C GLN B 43 1.23 -27.49 34.82
N LEU B 44 0.00 -27.94 34.54
CA LEU B 44 -0.77 -27.44 33.41
C LEU B 44 -1.96 -26.60 33.83
N THR B 45 -2.37 -25.68 32.97
CA THR B 45 -3.56 -24.90 33.24
C THR B 45 -4.63 -25.41 32.27
N HIS B 46 -4.18 -25.87 31.10
CA HIS B 46 -5.07 -26.38 30.05
C HIS B 46 -4.43 -27.52 29.28
N ILE B 47 -5.25 -28.52 28.91
CA ILE B 47 -4.81 -29.59 28.04
C ILE B 47 -5.82 -29.51 26.88
N ASN B 48 -5.35 -29.34 25.65
CA ASN B 48 -6.25 -29.26 24.51
C ASN B 48 -6.31 -30.61 23.81
N PHE B 49 -7.42 -31.32 24.00
CA PHE B 49 -7.56 -32.61 23.35
C PHE B 49 -7.67 -32.36 21.86
N SER B 50 -6.86 -33.09 21.07
CA SER B 50 -6.79 -32.92 19.63
C SER B 50 -7.03 -34.24 18.84
N PHE B 51 -7.92 -34.25 17.86
CA PHE B 51 -8.74 -33.12 17.40
C PHE B 51 -10.18 -33.59 17.12
N LEU B 52 -11.12 -32.66 17.18
CA LEU B 52 -12.49 -32.96 16.78
C LEU B 52 -12.58 -32.33 15.37
N ASP B 53 -13.66 -32.57 14.65
CA ASP B 53 -13.75 -32.05 13.28
C ASP B 53 -15.11 -31.39 13.06
N ILE B 54 -15.37 -30.98 11.82
CA ILE B 54 -16.66 -30.40 11.47
C ILE B 54 -17.10 -31.32 10.34
N ASN B 55 -18.31 -31.89 10.43
CA ASN B 55 -18.76 -32.82 9.41
C ASN B 55 -19.55 -32.17 8.28
N SER B 56 -20.07 -32.98 7.35
CA SER B 56 -20.81 -32.47 6.23
C SER B 56 -22.12 -31.86 6.63
N ASN B 57 -22.61 -32.17 7.84
CA ASN B 57 -23.85 -31.56 8.29
C ASN B 57 -23.53 -30.22 8.95
N LEU B 58 -22.26 -29.83 8.82
CA LEU B 58 -21.75 -28.57 9.38
C LEU B 58 -21.92 -28.42 10.89
N GLU B 59 -21.63 -29.52 11.59
CA GLU B 59 -21.69 -29.52 13.04
C GLU B 59 -20.38 -30.14 13.53
N CYS B 60 -20.01 -29.79 14.76
CA CYS B 60 -18.79 -30.31 15.37
C CYS B 60 -19.04 -31.79 15.62
N ALA B 61 -18.06 -32.63 15.30
CA ALA B 61 -18.21 -34.07 15.47
C ALA B 61 -16.87 -34.81 15.41
N TRP B 62 -16.86 -36.01 15.97
CA TRP B 62 -15.67 -36.85 15.94
C TRP B 62 -15.53 -37.42 14.54
N ASP B 63 -14.30 -37.77 14.15
CA ASP B 63 -14.06 -38.42 12.88
C ASP B 63 -14.97 -39.67 13.04
N PRO B 64 -15.84 -39.96 12.06
CA PRO B 64 -16.73 -41.13 12.17
C PRO B 64 -16.06 -42.50 12.33
N ALA B 65 -14.77 -42.60 12.08
CA ALA B 65 -14.07 -43.88 12.24
C ALA B 65 -13.67 -44.09 13.71
N THR B 66 -13.92 -43.08 14.53
CA THR B 66 -13.59 -43.15 15.95
C THR B 66 -14.57 -44.04 16.71
N ASN B 67 -14.04 -44.91 17.57
CA ASN B 67 -14.85 -45.80 18.40
C ASN B 67 -15.29 -44.87 19.53
N ASP B 68 -16.58 -44.52 19.57
CA ASP B 68 -17.11 -43.60 20.57
C ASP B 68 -16.83 -43.97 22.01
N ALA B 69 -17.02 -45.24 22.36
CA ALA B 69 -16.77 -45.67 23.73
C ALA B 69 -15.29 -45.42 24.07
N LYS B 70 -14.39 -45.82 23.18
CA LYS B 70 -12.96 -45.63 23.44
C LYS B 70 -12.60 -44.13 23.53
N ALA B 71 -13.29 -43.31 22.73
CA ALA B 71 -13.03 -41.88 22.76
C ALA B 71 -13.46 -41.31 24.12
N ARG B 72 -14.64 -41.69 24.59
CA ARG B 72 -15.11 -41.19 25.88
C ARG B 72 -14.12 -41.59 26.98
N ASP B 73 -13.60 -42.81 26.90
CA ASP B 73 -12.66 -43.32 27.90
C ASP B 73 -11.37 -42.52 27.95
N VAL B 74 -10.83 -42.16 26.79
CA VAL B 74 -9.60 -41.38 26.75
C VAL B 74 -9.86 -39.99 27.33
N VAL B 75 -11.00 -39.40 26.97
CA VAL B 75 -11.36 -38.09 27.49
C VAL B 75 -11.58 -38.17 29.01
N ASN B 76 -12.22 -39.26 29.47
CA ASN B 76 -12.46 -39.44 30.90
C ASN B 76 -11.12 -39.43 31.67
N ARG B 77 -10.12 -40.11 31.13
CA ARG B 77 -8.81 -40.15 31.76
C ARG B 77 -8.20 -38.75 31.88
N LEU B 78 -8.46 -37.89 30.91
CA LEU B 78 -7.95 -36.52 30.94
C LEU B 78 -8.70 -35.68 31.95
N THR B 79 -10.04 -35.77 31.93
CA THR B 79 -10.84 -34.97 32.86
C THR B 79 -10.67 -35.45 34.30
N ALA B 80 -10.24 -36.69 34.48
CA ALA B 80 -10.03 -37.18 35.84
C ALA B 80 -8.85 -36.45 36.49
N LEU B 81 -7.97 -35.85 35.67
CA LEU B 81 -6.81 -35.13 36.19
C LEU B 81 -7.19 -33.86 36.94
N LYS B 82 -8.39 -33.36 36.67
CA LYS B 82 -8.87 -32.14 37.32
C LYS B 82 -8.97 -32.33 38.84
N ALA B 83 -9.10 -33.58 39.27
CA ALA B 83 -9.19 -33.89 40.70
C ALA B 83 -7.91 -33.44 41.42
N HIS B 84 -6.80 -33.44 40.69
CA HIS B 84 -5.49 -33.05 41.24
C HIS B 84 -5.10 -31.59 40.98
N ASN B 85 -5.94 -30.86 40.25
CA ASN B 85 -5.64 -29.47 39.93
C ASN B 85 -6.96 -28.72 39.69
N PRO B 86 -7.45 -27.99 40.72
CA PRO B 86 -8.70 -27.23 40.61
C PRO B 86 -8.77 -26.15 39.54
N SER B 87 -7.62 -25.80 38.95
CA SER B 87 -7.56 -24.78 37.90
C SER B 87 -7.47 -25.37 36.50
N LEU B 88 -7.22 -26.66 36.42
CA LEU B 88 -7.07 -27.34 35.14
C LEU B 88 -8.31 -27.46 34.27
N ARG B 89 -8.18 -27.15 32.98
CA ARG B 89 -9.29 -27.28 32.05
C ARG B 89 -8.92 -28.24 30.93
N ILE B 90 -9.84 -29.14 30.58
CA ILE B 90 -9.60 -30.03 29.45
C ILE B 90 -10.46 -29.47 28.34
N MET B 91 -9.81 -28.78 27.40
CA MET B 91 -10.45 -28.16 26.26
C MET B 91 -10.43 -29.18 25.15
N PHE B 92 -11.23 -28.99 24.12
CA PHE B 92 -11.13 -29.88 22.96
C PHE B 92 -10.89 -28.93 21.81
N SER B 93 -9.99 -29.31 20.92
CA SER B 93 -9.65 -28.49 19.77
C SER B 93 -10.25 -29.02 18.47
N ILE B 94 -10.88 -28.12 17.73
CA ILE B 94 -11.51 -28.45 16.46
C ILE B 94 -10.62 -28.02 15.31
N GLY B 95 -10.27 -28.98 14.45
CA GLY B 95 -9.44 -28.65 13.32
C GLY B 95 -8.14 -29.42 13.21
N GLY B 96 -7.03 -28.68 13.22
CA GLY B 96 -5.73 -29.30 13.04
C GLY B 96 -5.43 -29.24 11.56
N TRP B 97 -4.17 -29.36 11.17
CA TRP B 97 -3.79 -29.30 9.76
C TRP B 97 -4.45 -30.37 8.88
N TYR B 98 -4.50 -31.61 9.34
CA TYR B 98 -5.09 -32.67 8.52
C TYR B 98 -6.52 -32.38 8.08
N TYR B 99 -7.38 -32.10 9.05
CA TYR B 99 -8.77 -31.80 8.75
C TYR B 99 -9.04 -30.47 8.06
N SER B 100 -8.40 -29.41 8.54
CA SER B 100 -8.70 -28.08 8.03
C SER B 100 -7.81 -27.32 7.05
N ASN B 101 -6.67 -27.87 6.65
CA ASN B 101 -5.83 -27.10 5.72
C ASN B 101 -6.59 -26.90 4.40
N ASP B 102 -6.18 -25.94 3.58
CA ASP B 102 -6.90 -25.65 2.34
C ASP B 102 -7.28 -26.87 1.50
N LEU B 103 -6.42 -27.89 1.48
CA LEU B 103 -6.69 -29.11 0.73
C LEU B 103 -6.98 -30.27 1.68
N GLY B 104 -7.34 -29.94 2.93
CA GLY B 104 -7.64 -30.96 3.93
C GLY B 104 -8.94 -31.72 3.70
N VAL B 105 -9.09 -32.88 4.35
CA VAL B 105 -10.28 -33.70 4.16
C VAL B 105 -11.63 -33.10 4.57
N SER B 106 -11.62 -32.05 5.38
CA SER B 106 -12.88 -31.44 5.81
C SER B 106 -12.94 -29.93 5.62
N HIS B 107 -12.00 -29.37 4.88
CA HIS B 107 -11.94 -27.92 4.67
C HIS B 107 -13.27 -27.29 4.29
N ALA B 108 -13.96 -27.84 3.30
CA ALA B 108 -15.23 -27.27 2.88
C ALA B 108 -16.21 -27.12 4.06
N ASN B 109 -16.18 -28.05 5.01
CA ASN B 109 -17.10 -27.96 6.14
C ASN B 109 -16.79 -26.76 7.02
N TYR B 110 -15.52 -26.39 7.13
CA TYR B 110 -15.16 -25.23 7.94
C TYR B 110 -15.68 -23.97 7.25
N VAL B 111 -15.32 -23.80 5.98
CA VAL B 111 -15.74 -22.65 5.19
C VAL B 111 -17.27 -22.50 5.18
N ASN B 112 -17.98 -23.60 5.01
CA ASN B 112 -19.44 -23.53 4.96
C ASN B 112 -20.12 -23.29 6.30
N ALA B 113 -19.54 -23.85 7.36
CA ALA B 113 -20.10 -23.69 8.70
C ALA B 113 -20.18 -22.24 9.17
N VAL B 114 -19.22 -21.41 8.78
CA VAL B 114 -19.20 -20.03 9.26
C VAL B 114 -19.89 -19.02 8.35
N LYS B 115 -20.52 -19.51 7.28
CA LYS B 115 -21.18 -18.66 6.29
C LYS B 115 -22.35 -17.77 6.66
N THR B 116 -23.34 -18.33 7.34
CA THR B 116 -24.53 -17.57 7.67
C THR B 116 -24.92 -17.58 9.13
N PRO B 117 -25.81 -16.65 9.53
CA PRO B 117 -26.23 -16.61 10.92
C PRO B 117 -26.78 -18.00 11.32
N ALA B 118 -27.55 -18.61 10.43
CA ALA B 118 -28.12 -19.93 10.73
C ALA B 118 -27.06 -21.02 10.82
N SER B 119 -26.11 -21.04 9.90
CA SER B 119 -25.09 -22.07 9.95
C SER B 119 -24.21 -21.86 11.18
N ARG B 120 -23.89 -20.60 11.48
CA ARG B 120 -23.05 -20.34 12.65
C ARG B 120 -23.77 -20.77 13.93
N THR B 121 -25.06 -20.45 14.01
CA THR B 121 -25.83 -20.84 15.19
C THR B 121 -25.81 -22.35 15.32
N LYS B 122 -26.06 -23.06 14.22
CA LYS B 122 -26.07 -24.53 14.27
C LYS B 122 -24.70 -25.10 14.66
N PHE B 123 -23.63 -24.58 14.08
CA PHE B 123 -22.29 -25.07 14.42
C PHE B 123 -21.96 -24.79 15.91
N ALA B 124 -22.15 -23.54 16.33
CA ALA B 124 -21.89 -23.16 17.73
C ALA B 124 -22.66 -24.05 18.71
N GLN B 125 -23.94 -24.27 18.45
CA GLN B 125 -24.74 -25.11 19.32
C GLN B 125 -24.13 -26.51 19.39
N SER B 126 -23.68 -27.04 18.25
CA SER B 126 -23.08 -28.38 18.26
C SER B 126 -21.79 -28.40 19.09
N CYS B 127 -21.01 -27.31 19.06
CA CYS B 127 -19.79 -27.24 19.87
C CYS B 127 -20.11 -27.37 21.35
N VAL B 128 -21.13 -26.63 21.80
CA VAL B 128 -21.54 -26.70 23.20
C VAL B 128 -22.10 -28.09 23.51
N ARG B 129 -22.81 -28.71 22.57
CA ARG B 129 -23.36 -30.05 22.80
C ARG B 129 -22.22 -31.04 23.03
N ILE B 130 -21.24 -31.00 22.14
CA ILE B 130 -20.09 -31.90 22.23
C ILE B 130 -19.34 -31.65 23.55
N MET B 131 -19.14 -30.38 23.87
CA MET B 131 -18.43 -30.02 25.09
C MET B 131 -19.09 -30.65 26.30
N LYS B 132 -20.40 -30.51 26.40
CA LYS B 132 -21.10 -31.06 27.55
C LYS B 132 -21.24 -32.58 27.51
N ASP B 133 -21.47 -33.14 26.33
CA ASP B 133 -21.64 -34.58 26.21
C ASP B 133 -20.40 -35.34 26.64
N TYR B 134 -19.22 -34.87 26.23
CA TYR B 134 -18.00 -35.57 26.58
C TYR B 134 -17.32 -35.09 27.85
N GLY B 135 -17.78 -33.95 28.38
CA GLY B 135 -17.23 -33.44 29.62
C GLY B 135 -16.03 -32.51 29.48
N PHE B 136 -15.96 -31.78 28.36
CA PHE B 136 -14.85 -30.86 28.14
C PHE B 136 -15.10 -29.53 28.86
N ASP B 137 -14.04 -28.75 29.03
CA ASP B 137 -14.15 -27.48 29.71
C ASP B 137 -14.12 -26.22 28.85
N GLY B 138 -13.98 -26.39 27.55
CA GLY B 138 -13.94 -25.23 26.67
C GLY B 138 -13.64 -25.63 25.25
N VAL B 139 -13.68 -24.65 24.36
CA VAL B 139 -13.46 -24.90 22.94
C VAL B 139 -12.26 -24.16 22.37
N ASP B 140 -11.41 -24.88 21.65
CA ASP B 140 -10.26 -24.28 20.97
C ASP B 140 -10.51 -24.53 19.49
N ILE B 141 -10.37 -23.49 18.67
CA ILE B 141 -10.56 -23.64 17.23
C ILE B 141 -9.18 -23.61 16.58
N ASP B 142 -8.86 -24.64 15.81
CA ASP B 142 -7.56 -24.72 15.14
C ASP B 142 -7.68 -24.95 13.61
N TRP B 143 -8.31 -23.99 12.94
CA TRP B 143 -8.50 -24.00 11.49
C TRP B 143 -7.23 -23.41 10.88
N GLU B 144 -6.49 -24.21 10.11
CA GLU B 144 -5.24 -23.74 9.51
C GLU B 144 -5.32 -23.61 7.98
N TYR B 145 -5.81 -22.49 7.42
CA TYR B 145 -6.29 -21.28 8.16
C TYR B 145 -7.40 -20.59 7.37
N PRO B 146 -8.23 -19.78 8.04
CA PRO B 146 -9.30 -19.11 7.27
C PRO B 146 -8.66 -18.13 6.26
N GLN B 147 -9.24 -18.04 5.07
CA GLN B 147 -8.73 -17.11 4.05
C GLN B 147 -9.45 -15.79 4.23
N ALA B 148 -8.89 -14.74 3.65
CA ALA B 148 -9.46 -13.41 3.77
C ALA B 148 -11.00 -13.33 3.67
N ALA B 149 -11.56 -13.86 2.59
CA ALA B 149 -13.00 -13.79 2.39
C ALA B 149 -13.84 -14.53 3.43
N GLU B 150 -13.20 -15.42 4.18
CA GLU B 150 -13.89 -16.23 5.19
C GLU B 150 -13.77 -15.65 6.60
N VAL B 151 -12.88 -14.68 6.76
CA VAL B 151 -12.66 -14.10 8.09
C VAL B 151 -13.87 -13.50 8.80
N ASP B 152 -14.74 -12.80 8.07
CA ASP B 152 -15.92 -12.21 8.72
C ASP B 152 -16.84 -13.31 9.26
N GLY B 153 -16.97 -14.42 8.52
CA GLY B 153 -17.82 -15.49 9.01
C GLY B 153 -17.15 -16.12 10.22
N PHE B 154 -15.82 -16.26 10.12
CA PHE B 154 -15.03 -16.86 11.18
C PHE B 154 -15.25 -16.10 12.48
N ILE B 155 -15.15 -14.77 12.39
CA ILE B 155 -15.33 -13.90 13.55
C ILE B 155 -16.72 -14.02 14.15
N ALA B 156 -17.73 -14.05 13.30
CA ALA B 156 -19.10 -14.15 13.77
C ALA B 156 -19.30 -15.51 14.46
N ALA B 157 -18.60 -16.53 13.97
CA ALA B 157 -18.73 -17.87 14.56
C ALA B 157 -18.15 -17.85 15.97
N LEU B 158 -16.99 -17.23 16.12
CA LEU B 158 -16.35 -17.15 17.43
C LEU B 158 -17.26 -16.33 18.38
N GLN B 159 -17.82 -15.23 17.88
CA GLN B 159 -18.71 -14.43 18.71
C GLN B 159 -19.90 -15.25 19.19
N GLU B 160 -20.47 -16.06 18.28
CA GLU B 160 -21.63 -16.89 18.63
C GLU B 160 -21.27 -17.94 19.66
N ILE B 161 -20.13 -18.60 19.46
CA ILE B 161 -19.70 -19.60 20.41
C ILE B 161 -19.55 -18.95 21.78
N ARG B 162 -18.88 -17.79 21.82
CA ARG B 162 -18.69 -17.10 23.09
C ARG B 162 -20.03 -16.90 23.81
N THR B 163 -21.01 -16.37 23.09
CA THR B 163 -22.32 -16.12 23.70
C THR B 163 -22.90 -17.41 24.28
N LEU B 164 -22.86 -18.50 23.52
CA LEU B 164 -23.42 -19.74 24.01
C LEU B 164 -22.66 -20.29 25.22
N LEU B 165 -21.33 -20.14 25.20
CA LEU B 165 -20.52 -20.63 26.31
C LEU B 165 -20.80 -19.83 27.58
N ASN B 166 -20.88 -18.51 27.46
CA ASN B 166 -21.17 -17.71 28.65
C ASN B 166 -22.53 -18.06 29.25
N GLN B 167 -23.53 -18.27 28.39
CA GLN B 167 -24.83 -18.63 28.91
C GLN B 167 -24.74 -19.98 29.56
N GLN B 168 -23.98 -20.89 28.96
CA GLN B 168 -23.84 -22.23 29.51
C GLN B 168 -23.16 -22.14 30.87
N THR B 169 -22.19 -21.24 31.00
CA THR B 169 -21.51 -21.09 32.27
C THR B 169 -22.54 -20.78 33.36
N ILE B 170 -23.40 -19.79 33.11
CA ILE B 170 -24.42 -19.41 34.09
C ILE B 170 -25.40 -20.56 34.34
N THR B 171 -25.88 -21.21 33.28
CA THR B 171 -26.80 -22.33 33.41
C THR B 171 -26.23 -23.43 34.30
N ASP B 172 -24.94 -23.73 34.14
CA ASP B 172 -24.29 -24.79 34.92
C ASP B 172 -23.69 -24.32 36.25
N GLY B 173 -23.86 -23.04 36.58
CA GLY B 173 -23.29 -22.54 37.82
C GLY B 173 -21.78 -22.78 37.82
N ARG B 174 -21.15 -22.56 36.68
CA ARG B 174 -19.72 -22.77 36.54
C ARG B 174 -18.90 -21.50 36.64
N GLN B 175 -19.42 -20.49 37.35
CA GLN B 175 -18.71 -19.22 37.48
C GLN B 175 -17.31 -19.35 38.06
N ALA B 176 -17.05 -20.41 38.83
CA ALA B 176 -15.74 -20.63 39.41
C ALA B 176 -14.69 -21.06 38.37
N LEU B 177 -15.15 -21.68 37.29
CA LEU B 177 -14.26 -22.15 36.24
C LEU B 177 -15.05 -22.06 34.93
N PRO B 178 -15.29 -20.83 34.47
CA PRO B 178 -16.04 -20.51 33.24
C PRO B 178 -15.54 -21.28 32.04
N TYR B 179 -16.47 -21.66 31.15
CA TYR B 179 -16.10 -22.35 29.93
C TYR B 179 -15.30 -21.33 29.12
N GLN B 180 -14.27 -21.79 28.43
CA GLN B 180 -13.43 -20.86 27.68
C GLN B 180 -13.42 -21.11 26.19
N LEU B 181 -12.94 -20.11 25.45
CA LEU B 181 -12.83 -20.19 24.01
C LEU B 181 -11.49 -19.63 23.60
N THR B 182 -10.73 -20.40 22.82
CA THR B 182 -9.43 -19.98 22.33
C THR B 182 -9.27 -20.43 20.87
N ILE B 183 -8.20 -19.98 20.22
CA ILE B 183 -7.89 -20.47 18.86
C ILE B 183 -6.38 -20.63 18.77
N ALA B 184 -5.94 -21.45 17.83
CA ALA B 184 -4.51 -21.61 17.56
C ALA B 184 -4.36 -20.65 16.37
N GLY B 185 -3.41 -19.71 16.47
CA GLY B 185 -3.23 -18.79 15.37
C GLY B 185 -1.87 -18.97 14.72
N ALA B 186 -1.75 -18.53 13.46
CA ALA B 186 -0.48 -18.63 12.73
C ALA B 186 0.63 -17.89 13.50
N GLY B 187 1.85 -18.40 13.42
CA GLY B 187 2.97 -17.78 14.10
C GLY B 187 4.01 -17.26 13.14
N GLY B 188 3.66 -17.30 11.86
CA GLY B 188 4.54 -16.83 10.80
C GLY B 188 3.74 -15.93 9.86
N ALA B 189 4.38 -14.88 9.36
CA ALA B 189 3.73 -13.89 8.49
C ALA B 189 2.97 -14.39 7.26
N PHE B 190 3.43 -15.45 6.63
CA PHE B 190 2.75 -15.92 5.43
C PHE B 190 1.29 -16.31 5.65
N PHE B 191 1.04 -17.18 6.61
CA PHE B 191 -0.33 -17.60 6.90
C PHE B 191 -1.08 -16.52 7.67
N LEU B 192 -0.35 -15.81 8.52
CA LEU B 192 -0.94 -14.75 9.33
C LEU B 192 -1.54 -13.65 8.44
N SER B 193 -0.90 -13.42 7.29
CA SER B 193 -1.39 -12.37 6.39
C SER B 193 -2.84 -12.58 5.94
N ARG B 194 -3.34 -13.80 6.03
CA ARG B 194 -4.72 -14.08 5.61
C ARG B 194 -5.78 -13.35 6.43
N TYR B 195 -5.57 -13.23 7.74
CA TYR B 195 -6.57 -12.59 8.60
C TYR B 195 -6.01 -11.49 9.48
N TYR B 196 -4.73 -11.19 9.30
CA TYR B 196 -4.05 -10.19 10.11
C TYR B 196 -4.83 -8.89 10.29
N SER B 197 -5.41 -8.37 9.21
CA SER B 197 -6.12 -7.10 9.29
C SER B 197 -7.26 -7.07 10.29
N LYS B 198 -7.83 -8.23 10.59
CA LYS B 198 -8.95 -8.28 11.51
C LYS B 198 -8.62 -8.94 12.85
N LEU B 199 -7.36 -8.91 13.25
CA LEU B 199 -6.96 -9.53 14.51
C LEU B 199 -7.76 -9.10 15.71
N ALA B 200 -8.00 -7.80 15.84
CA ALA B 200 -8.74 -7.30 16.99
C ALA B 200 -10.10 -8.00 17.12
N GLN B 201 -10.85 -8.06 16.03
CA GLN B 201 -12.17 -8.69 16.07
C GLN B 201 -12.05 -10.19 16.35
N ILE B 202 -11.01 -10.82 15.83
CA ILE B 202 -10.80 -12.25 16.06
C ILE B 202 -10.47 -12.53 17.53
N VAL B 203 -9.61 -11.71 18.14
CA VAL B 203 -9.22 -11.93 19.52
C VAL B 203 -10.23 -11.48 20.58
N ALA B 204 -11.12 -10.56 20.22
CA ALA B 204 -12.10 -10.06 21.18
C ALA B 204 -12.91 -11.13 21.92
N PRO B 205 -13.48 -12.11 21.21
CA PRO B 205 -14.26 -13.12 21.95
C PRO B 205 -13.46 -14.21 22.66
N LEU B 206 -12.13 -14.16 22.54
CA LEU B 206 -11.29 -15.22 23.11
C LEU B 206 -10.68 -14.97 24.48
N ASP B 207 -10.35 -16.06 25.16
CA ASP B 207 -9.66 -15.95 26.42
C ASP B 207 -8.17 -15.89 26.02
N TYR B 208 -7.81 -16.62 24.97
CA TYR B 208 -6.42 -16.67 24.49
C TYR B 208 -6.30 -16.99 23.01
N ILE B 209 -5.24 -16.46 22.39
CA ILE B 209 -4.93 -16.84 21.02
C ILE B 209 -3.57 -17.55 21.21
N ASN B 210 -3.51 -18.81 20.81
CA ASN B 210 -2.28 -19.59 20.97
C ASN B 210 -1.47 -19.51 19.69
N LEU B 211 -0.41 -18.69 19.71
CA LEU B 211 0.41 -18.50 18.53
C LEU B 211 1.27 -19.71 18.26
N MET B 212 1.16 -20.23 17.04
CA MET B 212 1.96 -21.39 16.68
C MET B 212 3.34 -20.93 16.21
N THR B 213 4.11 -20.40 17.16
CA THR B 213 5.45 -19.90 16.87
C THR B 213 6.51 -20.99 16.77
N TYR B 214 6.36 -21.84 15.75
CA TYR B 214 7.27 -22.91 15.44
C TYR B 214 7.06 -23.24 13.96
N ASP B 215 7.78 -24.24 13.45
CA ASP B 215 7.73 -24.56 12.02
C ASP B 215 8.15 -23.35 11.20
N LEU B 216 8.93 -22.46 11.80
CA LEU B 216 9.37 -21.27 11.10
C LEU B 216 10.55 -21.59 10.18
N ALA B 217 10.99 -22.84 10.21
CA ALA B 217 12.08 -23.30 9.36
C ALA B 217 11.82 -24.79 9.15
N GLY B 218 12.36 -25.33 8.06
CA GLY B 218 12.19 -26.74 7.75
C GLY B 218 12.86 -27.11 6.42
N PRO B 219 12.84 -28.41 6.04
CA PRO B 219 13.43 -28.97 4.81
C PRO B 219 12.84 -28.40 3.52
N TRP B 220 11.68 -27.74 3.63
CA TRP B 220 11.04 -27.13 2.48
C TRP B 220 11.70 -25.80 2.14
N GLU B 221 12.70 -25.41 2.94
CA GLU B 221 13.44 -24.17 2.72
C GLU B 221 14.84 -24.54 2.22
N LYS B 222 15.40 -23.69 1.37
CA LYS B 222 16.72 -23.95 0.79
C LYS B 222 17.87 -23.98 1.80
N VAL B 223 17.76 -23.23 2.88
CA VAL B 223 18.83 -23.20 3.87
C VAL B 223 18.39 -23.65 5.27
N THR B 224 19.21 -24.47 5.92
CA THR B 224 18.88 -24.93 7.26
C THR B 224 18.76 -23.71 8.17
N ASN B 225 17.84 -23.77 9.14
CA ASN B 225 17.65 -22.66 10.07
C ASN B 225 16.87 -23.15 11.28
N HIS B 226 16.84 -22.34 12.33
CA HIS B 226 16.12 -22.68 13.55
C HIS B 226 14.62 -22.50 13.28
N GLN B 227 13.81 -23.49 13.68
CA GLN B 227 12.38 -23.42 13.43
C GLN B 227 11.61 -22.58 14.46
N ALA B 228 12.28 -22.16 15.53
CA ALA B 228 11.65 -21.32 16.56
C ALA B 228 12.66 -20.40 17.28
N ALA B 229 13.47 -19.70 16.50
CA ALA B 229 14.44 -18.78 17.07
C ALA B 229 13.65 -17.71 17.83
N LEU B 230 14.07 -17.37 19.03
CA LEU B 230 13.38 -16.34 19.79
C LEU B 230 13.67 -14.99 19.14
N PHE B 231 14.96 -14.72 18.90
CA PHE B 231 15.39 -13.47 18.28
C PHE B 231 16.13 -13.80 16.97
N GLY B 232 16.31 -12.81 16.12
CA GLY B 232 16.96 -13.06 14.85
C GLY B 232 18.48 -13.06 14.85
N ASP B 233 19.04 -13.78 13.90
CA ASP B 233 20.49 -13.87 13.74
C ASP B 233 20.81 -13.32 12.35
N ALA B 234 21.57 -12.23 12.30
CA ALA B 234 21.93 -11.59 11.03
C ALA B 234 22.59 -12.54 10.03
N ALA B 235 23.27 -13.56 10.52
CA ALA B 235 23.91 -14.50 9.62
C ALA B 235 22.93 -15.53 9.05
N GLY B 236 21.71 -15.55 9.58
CA GLY B 236 20.73 -16.51 9.08
C GLY B 236 19.89 -15.98 7.93
N PRO B 237 18.97 -16.79 7.39
CA PRO B 237 18.11 -16.33 6.28
C PRO B 237 17.04 -15.34 6.69
N THR B 238 16.64 -14.50 5.75
CA THR B 238 15.61 -13.50 5.99
C THR B 238 14.52 -13.74 4.97
N PHE B 239 13.33 -13.24 5.27
CA PHE B 239 12.18 -13.45 4.40
C PHE B 239 11.41 -12.21 4.03
N TYR B 240 10.57 -12.41 3.02
CA TYR B 240 9.67 -11.40 2.48
C TYR B 240 8.59 -11.25 3.55
N ASN B 241 8.30 -10.01 3.97
CA ASN B 241 7.28 -9.80 4.99
C ASN B 241 5.87 -9.72 4.40
N ALA B 242 5.20 -10.86 4.30
CA ALA B 242 3.87 -10.95 3.73
C ALA B 242 2.78 -10.08 4.34
N LEU B 243 3.00 -9.54 5.54
CA LEU B 243 1.96 -8.70 6.12
C LEU B 243 1.75 -7.40 5.31
N ARG B 244 2.78 -7.01 4.56
CA ARG B 244 2.71 -5.80 3.74
C ARG B 244 1.62 -5.96 2.66
N GLU B 245 1.21 -7.20 2.43
CA GLU B 245 0.20 -7.48 1.42
C GLU B 245 -1.22 -7.68 1.97
N ALA B 246 -1.39 -7.48 3.28
CA ALA B 246 -2.72 -7.63 3.87
C ALA B 246 -3.62 -6.42 3.57
N ASN B 247 -4.91 -6.64 3.45
CA ASN B 247 -5.83 -5.55 3.14
C ASN B 247 -5.98 -4.65 4.35
N LEU B 248 -4.98 -3.79 4.59
CA LEU B 248 -5.00 -2.91 5.74
C LEU B 248 -5.41 -1.48 5.44
N GLY B 249 -5.22 -1.05 4.20
CA GLY B 249 -5.58 0.32 3.83
C GLY B 249 -4.57 1.34 4.31
N TRP B 250 -3.31 0.92 4.53
CA TRP B 250 -2.26 1.83 4.98
C TRP B 250 -1.41 2.36 3.81
N SER B 251 -0.80 3.53 3.98
CA SER B 251 0.02 4.10 2.92
C SER B 251 1.31 3.32 2.74
N TRP B 252 2.09 3.65 1.71
CA TRP B 252 3.34 2.95 1.49
C TRP B 252 4.27 3.15 2.69
N GLU B 253 4.33 4.38 3.22
CA GLU B 253 5.21 4.66 4.35
C GLU B 253 4.77 3.87 5.58
N GLU B 254 3.46 3.76 5.79
CA GLU B 254 2.97 3.02 6.95
C GLU B 254 3.28 1.53 6.84
N LEU B 255 3.01 0.95 5.68
CA LEU B 255 3.31 -0.46 5.47
C LEU B 255 4.80 -0.74 5.68
N THR B 256 5.64 0.08 5.06
CA THR B 256 7.08 -0.10 5.16
C THR B 256 7.59 0.01 6.60
N ARG B 257 7.07 0.98 7.36
CA ARG B 257 7.48 1.16 8.75
C ARG B 257 6.99 0.03 9.66
N ALA B 258 5.78 -0.46 9.41
CA ALA B 258 5.20 -1.52 10.23
C ALA B 258 5.79 -2.87 9.91
N PHE B 259 6.16 -3.08 8.65
CA PHE B 259 6.67 -4.38 8.22
C PHE B 259 8.01 -4.38 7.51
N PRO B 260 9.10 -4.20 8.27
CA PRO B 260 10.41 -4.21 7.62
C PRO B 260 10.52 -5.50 6.81
N SER B 261 11.11 -5.40 5.64
CA SER B 261 11.25 -6.56 4.78
C SER B 261 12.50 -6.41 3.90
N PRO B 262 13.31 -7.48 3.77
CA PRO B 262 13.13 -8.79 4.39
C PRO B 262 13.38 -8.76 5.90
N PHE B 263 12.83 -9.73 6.63
CA PHE B 263 13.00 -9.77 8.08
C PHE B 263 13.31 -11.17 8.59
N SER B 264 13.68 -11.26 9.87
CA SER B 264 14.01 -12.53 10.50
C SER B 264 12.72 -13.16 11.04
N LEU B 265 12.37 -14.33 10.51
CA LEU B 265 11.17 -15.04 10.91
C LEU B 265 11.44 -15.68 12.29
N THR B 266 10.99 -15.01 13.35
CA THR B 266 11.25 -15.48 14.70
C THR B 266 10.01 -15.47 15.56
N VAL B 267 10.16 -15.96 16.78
CA VAL B 267 9.05 -15.99 17.72
C VAL B 267 8.73 -14.55 18.12
N ASP B 268 9.79 -13.77 18.38
CA ASP B 268 9.63 -12.37 18.77
C ASP B 268 8.88 -11.57 17.68
N ALA B 269 9.19 -11.84 16.42
CA ALA B 269 8.51 -11.16 15.33
C ALA B 269 7.00 -11.41 15.37
N ALA B 270 6.60 -12.67 15.47
CA ALA B 270 5.17 -13.00 15.50
C ALA B 270 4.48 -12.33 16.69
N VAL B 271 5.14 -12.31 17.84
CA VAL B 271 4.53 -11.69 19.02
C VAL B 271 4.37 -10.19 18.81
N GLN B 272 5.45 -9.54 18.37
CA GLN B 272 5.42 -8.10 18.14
C GLN B 272 4.46 -7.73 17.01
N GLN B 273 4.35 -8.58 15.99
CA GLN B 273 3.42 -8.28 14.90
C GLN B 273 1.99 -8.27 15.45
N HIS B 274 1.68 -9.12 16.42
CA HIS B 274 0.35 -9.13 17.01
C HIS B 274 0.16 -7.92 17.94
N LEU B 275 1.19 -7.60 18.72
CA LEU B 275 1.11 -6.46 19.62
C LEU B 275 0.96 -5.15 18.86
N MET B 276 1.53 -5.08 17.66
CA MET B 276 1.45 -3.87 16.83
C MET B 276 0.01 -3.43 16.56
N MET B 277 -0.87 -4.40 16.41
CA MET B 277 -2.28 -4.11 16.12
C MET B 277 -3.05 -3.63 17.32
N GLU B 278 -3.77 -2.52 17.13
CA GLU B 278 -4.58 -1.95 18.17
C GLU B 278 -5.69 -2.94 18.57
N GLY B 279 -5.98 -3.04 19.87
CA GLY B 279 -7.01 -3.93 20.35
C GLY B 279 -6.60 -5.38 20.55
N VAL B 280 -5.30 -5.65 20.52
CA VAL B 280 -4.80 -7.00 20.73
C VAL B 280 -4.02 -6.96 22.05
N PRO B 281 -4.68 -7.29 23.17
CA PRO B 281 -4.03 -7.27 24.48
C PRO B 281 -2.95 -8.33 24.68
N SER B 282 -1.82 -7.91 25.23
CA SER B 282 -0.71 -8.82 25.46
C SER B 282 -1.11 -10.00 26.32
N ALA B 283 -2.00 -9.77 27.27
CA ALA B 283 -2.43 -10.84 28.17
C ALA B 283 -3.17 -11.99 27.50
N LYS B 284 -3.65 -11.78 26.27
CA LYS B 284 -4.35 -12.87 25.56
C LYS B 284 -3.42 -13.65 24.66
N ILE B 285 -2.21 -13.13 24.45
CA ILE B 285 -1.25 -13.79 23.57
C ILE B 285 -0.51 -14.90 24.32
N VAL B 286 -0.58 -16.13 23.78
CA VAL B 286 0.10 -17.28 24.38
C VAL B 286 1.14 -17.76 23.38
N MET B 287 2.40 -17.77 23.80
CA MET B 287 3.50 -18.19 22.92
C MET B 287 3.58 -19.69 22.79
N GLY B 288 3.49 -20.20 21.57
CA GLY B 288 3.59 -21.64 21.41
C GLY B 288 5.05 -21.99 21.33
N VAL B 289 5.41 -23.19 21.79
CA VAL B 289 6.77 -23.69 21.70
C VAL B 289 6.63 -25.14 21.21
N PRO B 290 7.62 -25.63 20.46
CA PRO B 290 7.55 -27.02 19.95
C PRO B 290 8.20 -28.05 20.86
N PHE B 291 7.58 -29.23 20.97
CA PHE B 291 8.17 -30.31 21.76
C PHE B 291 8.77 -31.33 20.79
N TYR B 292 9.15 -30.87 19.61
CA TYR B 292 9.74 -31.71 18.56
C TYR B 292 10.73 -30.89 17.77
N GLY B 293 11.59 -31.56 17.01
CA GLY B 293 12.55 -30.84 16.20
C GLY B 293 12.45 -31.28 14.75
N ARG B 294 13.09 -30.52 13.86
CA ARG B 294 13.08 -30.82 12.44
C ARG B 294 14.50 -31.04 11.96
N ALA B 295 14.67 -32.05 11.11
CA ALA B 295 16.00 -32.45 10.63
C ALA B 295 16.32 -32.26 9.15
N PHE B 296 17.60 -32.01 8.87
CA PHE B 296 18.10 -31.82 7.51
C PHE B 296 19.31 -32.73 7.29
N LYS B 297 19.55 -33.12 6.04
CA LYS B 297 20.71 -33.95 5.73
C LYS B 297 21.56 -33.27 4.64
N GLY B 298 22.78 -33.74 4.47
CA GLY B 298 23.66 -33.17 3.45
C GLY B 298 24.06 -31.74 3.72
N VAL B 299 24.21 -31.36 4.99
CA VAL B 299 24.60 -30.00 5.31
C VAL B 299 26.13 -29.94 5.33
N SER B 300 26.68 -28.77 5.04
CA SER B 300 28.13 -28.64 5.01
C SER B 300 28.68 -28.31 6.40
N GLY B 301 30.00 -28.28 6.49
CA GLY B 301 30.65 -27.96 7.75
C GLY B 301 30.73 -26.46 7.92
N GLY B 302 31.16 -26.02 9.10
CA GLY B 302 31.24 -24.60 9.34
C GLY B 302 29.93 -24.14 9.97
N ASN B 303 30.03 -23.36 11.03
CA ASN B 303 28.85 -22.88 11.73
C ASN B 303 27.97 -24.06 12.10
N GLY B 304 28.61 -25.19 12.38
CA GLY B 304 27.92 -26.41 12.77
C GLY B 304 26.65 -26.81 12.06
N GLY B 305 26.61 -26.67 10.74
CA GLY B 305 25.43 -27.06 10.00
C GLY B 305 24.37 -25.98 9.87
N GLN B 306 24.58 -24.85 10.55
CA GLN B 306 23.63 -23.73 10.51
C GLN B 306 23.66 -22.97 9.20
N TYR B 307 22.50 -22.57 8.71
CA TYR B 307 22.40 -21.77 7.50
C TYR B 307 23.17 -22.39 6.34
N SER B 308 23.10 -23.71 6.24
CA SER B 308 23.81 -24.43 5.19
C SER B 308 22.83 -24.93 4.14
N SER B 309 23.34 -25.14 2.92
CA SER B 309 22.53 -25.69 1.85
C SER B 309 22.37 -27.13 2.32
N HIS B 310 21.44 -27.87 1.75
CA HIS B 310 21.23 -29.25 2.17
C HIS B 310 20.59 -30.05 1.05
N SER B 311 20.44 -31.35 1.25
CA SER B 311 19.85 -32.23 0.23
C SER B 311 18.69 -33.03 0.80
N THR B 312 17.92 -32.39 1.68
CA THR B 312 16.79 -33.04 2.31
C THR B 312 15.57 -33.07 1.38
N PRO B 313 14.95 -34.24 1.21
CA PRO B 313 13.77 -34.31 0.33
C PRO B 313 12.77 -33.29 0.87
N GLY B 314 12.10 -32.56 -0.02
CA GLY B 314 11.14 -31.57 0.44
C GLY B 314 9.68 -32.00 0.30
N GLU B 315 9.45 -33.12 -0.37
CA GLU B 315 8.10 -33.64 -0.60
C GLU B 315 7.42 -34.15 0.67
N ASP B 316 6.10 -34.08 0.69
CA ASP B 316 5.29 -34.55 1.82
C ASP B 316 4.11 -35.34 1.24
N PRO B 317 3.92 -36.59 1.70
CA PRO B 317 4.74 -37.28 2.69
C PRO B 317 6.14 -37.62 2.18
N TYR B 318 7.02 -38.01 3.11
CA TYR B 318 8.40 -38.38 2.78
C TYR B 318 8.29 -39.41 1.65
N PRO B 319 8.85 -39.08 0.47
CA PRO B 319 8.85 -39.90 -0.74
C PRO B 319 9.75 -41.12 -0.74
N SER B 320 10.72 -41.14 0.17
CA SER B 320 11.70 -42.21 0.26
C SER B 320 11.46 -43.21 1.40
N THR B 321 12.28 -44.27 1.40
CA THR B 321 12.22 -45.29 2.44
C THR B 321 13.56 -45.23 3.18
N ASP B 322 14.35 -44.23 2.83
CA ASP B 322 15.67 -43.99 3.41
C ASP B 322 15.60 -43.24 4.76
N TYR B 323 15.77 -43.97 5.87
CA TYR B 323 15.73 -43.34 7.19
C TYR B 323 17.13 -42.98 7.67
N TRP B 324 17.55 -41.78 7.29
CA TRP B 324 18.89 -41.28 7.58
C TRP B 324 19.14 -40.52 8.90
N LEU B 325 18.11 -40.34 9.73
CA LEU B 325 18.33 -39.64 11.00
C LEU B 325 18.79 -40.70 11.98
N VAL B 326 20.11 -40.81 12.13
CA VAL B 326 20.73 -41.81 12.99
C VAL B 326 20.16 -41.88 14.38
N GLY B 327 19.79 -43.09 14.78
CA GLY B 327 19.26 -43.30 16.11
C GLY B 327 17.80 -42.94 16.30
N CYS B 328 17.11 -42.51 15.24
CA CYS B 328 15.71 -42.16 15.38
C CYS B 328 14.79 -43.31 14.95
N GLU B 329 14.52 -44.24 15.87
CA GLU B 329 13.64 -45.36 15.56
C GLU B 329 12.21 -44.87 15.48
N GLU B 330 11.92 -43.75 16.15
CA GLU B 330 10.58 -43.16 16.12
C GLU B 330 10.33 -42.79 14.65
N CYS B 331 11.32 -42.15 14.02
CA CYS B 331 11.22 -41.75 12.63
C CYS B 331 10.88 -42.93 11.73
N VAL B 332 11.40 -44.11 12.06
CA VAL B 332 11.13 -45.31 11.25
C VAL B 332 9.68 -45.74 11.47
N ARG B 333 9.23 -45.70 12.72
CA ARG B 333 7.85 -46.07 13.03
C ARG B 333 6.89 -45.10 12.36
N ASP B 334 7.21 -43.82 12.39
CA ASP B 334 6.34 -42.82 11.79
C ASP B 334 6.60 -42.47 10.34
N LYS B 335 7.54 -43.17 9.70
CA LYS B 335 7.81 -42.95 8.29
C LYS B 335 8.37 -41.61 7.85
N ASP B 336 9.03 -40.86 8.73
CA ASP B 336 9.57 -39.57 8.31
C ASP B 336 10.83 -39.22 9.11
N PRO B 337 11.98 -39.14 8.44
CA PRO B 337 13.23 -38.83 9.13
C PRO B 337 13.49 -37.34 9.31
N ARG B 338 12.55 -36.50 8.87
CA ARG B 338 12.75 -35.06 9.01
C ARG B 338 12.15 -34.42 10.26
N ILE B 339 11.48 -35.22 11.09
CA ILE B 339 10.89 -34.70 12.32
C ILE B 339 11.00 -35.74 13.43
N ALA B 340 11.23 -35.27 14.66
CA ALA B 340 11.32 -36.20 15.79
C ALA B 340 10.94 -35.52 17.09
N SER B 341 10.34 -36.28 18.00
CA SER B 341 9.94 -35.72 19.28
C SER B 341 11.17 -35.42 20.14
N TYR B 342 10.99 -34.52 21.09
CA TYR B 342 12.08 -34.19 22.00
C TYR B 342 12.49 -35.49 22.70
N ARG B 343 11.47 -36.28 23.09
CA ARG B 343 11.73 -37.53 23.79
C ARG B 343 12.76 -38.32 23.02
N GLN B 344 12.55 -38.45 21.71
CA GLN B 344 13.48 -39.19 20.85
C GLN B 344 14.80 -38.47 20.67
N LEU B 345 14.75 -37.17 20.41
CA LEU B 345 15.99 -36.42 20.21
C LEU B 345 16.92 -36.52 21.42
N GLU B 346 16.34 -36.46 22.61
CA GLU B 346 17.10 -36.54 23.86
C GLU B 346 17.77 -37.90 23.97
N GLN B 347 17.05 -38.96 23.59
CA GLN B 347 17.63 -40.30 23.65
C GLN B 347 18.77 -40.35 22.66
N MET B 348 18.58 -39.74 21.49
CA MET B 348 19.63 -39.72 20.48
C MET B 348 20.87 -38.99 21.02
N LEU B 349 20.64 -37.90 21.73
CA LEU B 349 21.72 -37.10 22.30
C LEU B 349 22.47 -37.89 23.37
N GLN B 350 21.76 -38.78 24.07
CA GLN B 350 22.37 -39.57 25.13
C GLN B 350 22.70 -41.00 24.68
N GLY B 351 22.52 -41.27 23.39
CA GLY B 351 22.80 -42.62 22.88
C GLY B 351 24.13 -42.79 22.18
N ASN B 352 25.03 -41.83 22.34
CA ASN B 352 26.35 -41.87 21.73
C ASN B 352 26.28 -42.24 20.24
N TYR B 353 25.53 -41.45 19.48
CA TYR B 353 25.35 -41.67 18.03
C TYR B 353 26.15 -40.69 17.18
N GLY B 354 26.96 -39.85 17.82
CA GLY B 354 27.76 -38.90 17.08
C GLY B 354 27.22 -37.48 16.98
N TYR B 355 26.16 -37.15 17.71
CA TYR B 355 25.57 -35.81 17.66
C TYR B 355 26.24 -34.87 18.65
N GLN B 356 26.39 -33.62 18.24
CA GLN B 356 26.95 -32.60 19.10
C GLN B 356 25.85 -31.57 19.37
N ARG B 357 25.53 -31.30 20.63
CA ARG B 357 24.52 -30.29 20.90
C ARG B 357 25.22 -28.95 20.90
N LEU B 358 24.75 -28.05 20.05
CA LEU B 358 25.34 -26.73 19.96
C LEU B 358 24.28 -25.69 20.32
N TRP B 359 24.73 -24.46 20.55
CA TRP B 359 23.85 -23.40 20.97
C TRP B 359 24.10 -22.10 20.21
N ASN B 360 23.02 -21.44 19.80
CA ASN B 360 23.13 -20.15 19.12
C ASN B 360 22.69 -19.08 20.13
N ASP B 361 23.62 -18.24 20.53
CA ASP B 361 23.36 -17.21 21.53
C ASP B 361 22.59 -15.96 21.07
N LYS B 362 22.25 -15.89 19.80
CA LYS B 362 21.46 -14.77 19.28
C LYS B 362 20.01 -15.23 19.30
N THR B 363 19.78 -16.42 18.72
CA THR B 363 18.43 -16.99 18.64
C THR B 363 17.98 -17.61 19.97
N LYS B 364 18.94 -17.96 20.83
CA LYS B 364 18.68 -18.57 22.11
C LYS B 364 18.01 -19.93 21.94
N THR B 365 18.50 -20.71 20.97
CA THR B 365 17.99 -22.04 20.70
C THR B 365 19.11 -23.02 20.42
N PRO B 366 18.90 -24.30 20.77
CA PRO B 366 19.94 -25.31 20.53
C PRO B 366 19.74 -25.95 19.18
N TYR B 367 20.71 -26.75 18.77
CA TYR B 367 20.63 -27.48 17.51
C TYR B 367 21.63 -28.62 17.57
N LEU B 368 21.36 -29.69 16.82
CA LEU B 368 22.24 -30.85 16.79
C LEU B 368 22.95 -30.85 15.46
N TYR B 369 24.23 -31.20 15.51
CA TYR B 369 25.03 -31.28 14.31
C TYR B 369 25.71 -32.63 14.36
N HIS B 370 25.53 -33.41 13.32
CA HIS B 370 26.16 -34.71 13.25
C HIS B 370 27.23 -34.53 12.20
N ALA B 371 28.45 -34.28 12.65
CA ALA B 371 29.58 -34.05 11.77
C ALA B 371 29.86 -35.22 10.83
N GLN B 372 29.84 -36.43 11.36
CA GLN B 372 30.12 -37.60 10.55
C GLN B 372 29.23 -37.75 9.31
N ASN B 373 27.92 -37.63 9.48
CA ASN B 373 26.98 -37.78 8.36
C ASN B 373 26.40 -36.51 7.77
N GLY B 374 26.79 -35.36 8.30
CA GLY B 374 26.29 -34.10 7.79
C GLY B 374 24.80 -33.90 8.06
N LEU B 375 24.41 -33.98 9.33
CA LEU B 375 23.00 -33.81 9.70
C LEU B 375 22.85 -32.56 10.56
N PHE B 376 21.68 -31.92 10.48
CA PHE B 376 21.38 -30.72 11.27
C PHE B 376 19.95 -30.83 11.81
N VAL B 377 19.79 -30.63 13.11
CA VAL B 377 18.46 -30.69 13.72
C VAL B 377 18.18 -29.42 14.51
N THR B 378 17.03 -28.81 14.24
CA THR B 378 16.63 -27.62 14.98
C THR B 378 15.55 -28.07 15.96
N TYR B 379 15.75 -27.76 17.23
CA TYR B 379 14.78 -28.13 18.27
C TYR B 379 14.85 -27.18 19.45
N ASP B 380 13.96 -27.39 20.43
CA ASP B 380 13.91 -26.59 21.63
C ASP B 380 14.12 -27.49 22.83
N ASP B 381 14.64 -26.94 23.91
CA ASP B 381 14.86 -27.75 25.11
C ASP B 381 14.70 -26.90 26.37
N ALA B 382 15.02 -27.47 27.53
CA ALA B 382 14.86 -26.74 28.79
C ALA B 382 15.62 -25.41 28.82
N GLU B 383 16.78 -25.35 28.15
CA GLU B 383 17.50 -24.08 28.15
C GLU B 383 16.84 -23.02 27.27
N SER B 384 16.44 -23.37 26.05
CA SER B 384 15.79 -22.35 25.21
C SER B 384 14.51 -21.86 25.90
N PHE B 385 13.85 -22.73 26.67
CA PHE B 385 12.64 -22.32 27.35
C PHE B 385 12.88 -21.28 28.43
N LYS B 386 14.11 -21.18 28.94
CA LYS B 386 14.40 -20.17 29.95
C LYS B 386 14.24 -18.79 29.35
N TYR B 387 14.76 -18.62 28.13
CA TYR B 387 14.64 -17.33 27.46
C TYR B 387 13.19 -17.06 27.07
N LYS B 388 12.51 -18.08 26.53
CA LYS B 388 11.13 -17.87 26.14
C LYS B 388 10.23 -17.56 27.33
N ALA B 389 10.47 -18.24 28.45
CA ALA B 389 9.67 -17.97 29.64
C ALA B 389 9.90 -16.54 30.13
N LYS B 390 11.16 -16.07 30.08
CA LYS B 390 11.44 -14.70 30.54
C LYS B 390 10.78 -13.68 29.60
N TYR B 391 10.84 -13.97 28.31
CA TYR B 391 10.22 -13.11 27.30
C TYR B 391 8.72 -12.98 27.60
N ILE B 392 8.08 -14.11 27.88
CA ILE B 392 6.65 -14.14 28.19
C ILE B 392 6.35 -13.24 29.39
N LYS B 393 7.21 -13.28 30.41
CA LYS B 393 7.03 -12.44 31.60
C LYS B 393 7.25 -10.97 31.25
N GLN B 394 8.38 -10.67 30.60
CA GLN B 394 8.72 -9.29 30.21
C GLN B 394 7.67 -8.65 29.32
N GLN B 395 7.22 -9.39 28.32
CA GLN B 395 6.22 -8.88 27.37
C GLN B 395 4.80 -8.98 27.92
N GLN B 396 4.68 -9.41 29.17
CA GLN B 396 3.37 -9.52 29.80
C GLN B 396 2.39 -10.35 28.97
N LEU B 397 2.87 -11.45 28.40
CA LEU B 397 1.98 -12.31 27.61
C LEU B 397 1.10 -13.19 28.50
N GLY B 398 0.08 -13.82 27.92
CA GLY B 398 -0.81 -14.65 28.73
C GLY B 398 -0.18 -15.92 29.26
N GLY B 399 0.80 -16.47 28.53
CA GLY B 399 1.43 -17.69 28.98
C GLY B 399 2.13 -18.42 27.86
N VAL B 400 2.23 -19.74 27.99
CA VAL B 400 2.89 -20.55 26.99
C VAL B 400 2.01 -21.70 26.50
N MET B 401 2.23 -22.13 25.27
CA MET B 401 1.47 -23.23 24.69
C MET B 401 2.48 -24.14 24.04
N PHE B 402 2.16 -25.43 23.92
CA PHE B 402 3.10 -26.30 23.25
C PHE B 402 2.47 -27.43 22.48
N TRP B 403 3.12 -27.75 21.37
CA TRP B 403 2.71 -28.84 20.51
C TRP B 403 3.85 -29.84 20.51
N HIS B 404 3.64 -31.03 21.08
CA HIS B 404 2.43 -31.35 21.83
C HIS B 404 2.84 -32.23 23.02
N LEU B 405 1.97 -32.32 24.01
CA LEU B 405 2.26 -33.06 25.23
C LEU B 405 2.87 -34.47 25.07
N GLY B 406 2.38 -35.23 24.10
CA GLY B 406 2.90 -36.58 23.91
C GLY B 406 4.31 -36.70 23.36
N GLN B 407 4.99 -35.58 23.19
CA GLN B 407 6.35 -35.59 22.67
C GLN B 407 7.42 -35.27 23.72
N ASP B 408 6.98 -34.97 24.94
CA ASP B 408 7.90 -34.66 26.06
C ASP B 408 8.54 -36.01 26.43
N ASN B 409 9.64 -35.98 27.17
CA ASN B 409 10.26 -37.24 27.57
C ASN B 409 9.39 -37.87 28.67
N ARG B 410 9.69 -39.10 29.03
CA ARG B 410 8.92 -39.82 30.03
C ARG B 410 8.78 -39.12 31.37
N ASN B 411 9.81 -38.38 31.77
CA ASN B 411 9.75 -37.69 33.05
C ASN B 411 8.99 -36.38 32.97
N GLY B 412 8.62 -35.96 31.76
CA GLY B 412 7.90 -34.71 31.59
C GLY B 412 8.78 -33.49 31.89
N ASP B 413 10.06 -33.58 31.55
CA ASP B 413 11.00 -32.49 31.81
C ASP B 413 10.69 -31.18 31.10
N LEU B 414 10.25 -31.22 29.84
CA LEU B 414 9.96 -29.95 29.15
C LEU B 414 8.81 -29.22 29.85
N LEU B 415 7.72 -29.94 30.15
CA LEU B 415 6.59 -29.32 30.83
C LEU B 415 6.99 -28.83 32.23
N ALA B 416 7.80 -29.64 32.91
CA ALA B 416 8.27 -29.29 34.25
C ALA B 416 9.13 -28.01 34.22
N ALA B 417 9.93 -27.87 33.17
CA ALA B 417 10.79 -26.71 33.03
C ALA B 417 9.94 -25.45 32.90
N LEU B 418 8.90 -25.52 32.06
CA LEU B 418 8.01 -24.39 31.85
C LEU B 418 7.32 -23.98 33.14
N ASP B 419 6.76 -24.95 33.86
CA ASP B 419 6.09 -24.64 35.13
C ASP B 419 7.11 -24.06 36.11
N ARG B 420 8.31 -24.60 36.10
CA ARG B 420 9.36 -24.12 36.99
C ARG B 420 9.71 -22.65 36.74
N TYR B 421 9.90 -22.28 35.48
CA TYR B 421 10.28 -20.91 35.17
C TYR B 421 9.24 -19.86 35.56
N PHE B 422 7.97 -20.25 35.55
CA PHE B 422 6.93 -19.31 35.91
C PHE B 422 6.57 -19.36 37.40
N ASN B 423 6.69 -20.54 38.02
CA ASN B 423 6.26 -20.65 39.40
C ASN B 423 7.16 -21.14 40.53
N ALA B 424 8.33 -21.70 40.22
CA ALA B 424 9.21 -22.21 41.29
C ALA B 424 9.87 -21.11 42.10
N ALA B 425 9.74 -21.19 43.43
CA ALA B 425 10.34 -20.23 44.33
C ALA B 425 11.86 -20.27 44.21
N ASP B 426 12.43 -21.44 43.93
CA ASP B 426 13.89 -21.52 43.83
C ASP B 426 14.53 -21.33 42.47
N TYR B 427 13.75 -20.86 41.50
CA TYR B 427 14.27 -20.55 40.16
C TYR B 427 14.29 -19.03 40.05
N ASP B 428 15.45 -18.47 39.74
CA ASP B 428 15.59 -17.03 39.64
C ASP B 428 16.25 -16.62 38.33
N ASP B 429 15.46 -16.06 37.41
CA ASP B 429 16.03 -15.65 36.11
C ASP B 429 16.27 -14.15 36.04
N SER B 430 16.35 -13.48 37.18
CA SER B 430 16.55 -12.03 37.16
C SER B 430 17.81 -11.61 36.42
N GLN B 431 18.85 -12.43 36.43
CA GLN B 431 20.07 -12.07 35.73
C GLN B 431 20.22 -12.74 34.37
N LEU B 432 19.20 -13.45 33.91
CA LEU B 432 19.27 -14.13 32.61
C LEU B 432 19.40 -13.09 31.49
N ASP B 433 20.50 -13.16 30.74
CA ASP B 433 20.75 -12.21 29.66
C ASP B 433 20.08 -12.59 28.35
N MET B 434 19.11 -11.79 27.92
CA MET B 434 18.36 -12.04 26.70
C MET B 434 19.16 -11.89 25.40
N GLY B 435 20.41 -11.44 25.52
CA GLY B 435 21.26 -11.34 24.35
C GLY B 435 21.05 -10.18 23.40
N THR B 436 21.85 -10.17 22.34
CA THR B 436 21.81 -9.13 21.35
C THR B 436 21.21 -9.60 20.02
N GLY B 437 20.41 -10.66 20.05
CA GLY B 437 19.79 -11.12 18.82
C GLY B 437 18.88 -10.02 18.28
N LEU B 438 18.54 -10.09 17.00
CA LEU B 438 17.70 -9.07 16.38
C LEU B 438 16.25 -9.02 16.85
N ARG B 439 15.82 -7.85 17.32
CA ARG B 439 14.44 -7.66 17.75
C ARG B 439 13.64 -7.11 16.58
N TYR B 440 12.35 -7.45 16.54
CA TYR B 440 11.47 -6.94 15.49
C TYR B 440 11.07 -5.54 15.94
N THR B 441 11.29 -4.53 15.11
CA THR B 441 10.95 -3.17 15.53
C THR B 441 9.98 -2.41 14.64
N GLY B 442 9.07 -3.14 14.00
CA GLY B 442 8.08 -2.46 13.17
C GLY B 442 7.16 -1.63 14.05
N VAL B 443 6.72 -0.48 13.54
CA VAL B 443 5.80 0.37 14.27
C VAL B 443 4.64 0.68 13.36
N GLY B 444 3.45 0.29 13.77
CA GLY B 444 2.27 0.54 12.97
C GLY B 444 1.35 1.57 13.60
N PRO B 445 0.41 2.13 12.82
CA PRO B 445 -0.54 3.13 13.31
C PRO B 445 -1.32 2.59 14.53
N GLY B 446 -0.96 1.37 14.95
CA GLY B 446 -1.61 0.76 16.09
C GLY B 446 -0.74 0.61 17.33
N ASN B 447 0.53 0.98 17.24
CA ASN B 447 1.45 0.91 18.38
C ASN B 447 2.40 2.11 18.37
N LEU B 448 1.86 3.28 18.03
CA LEU B 448 2.62 4.50 17.96
C LEU B 448 3.13 5.01 19.31
N PRO B 449 4.36 5.55 19.34
CA PRO B 449 4.92 6.06 20.59
C PRO B 449 4.37 7.43 20.94
N ILE B 450 4.38 7.75 22.23
CA ILE B 450 3.93 9.06 22.68
C ILE B 450 4.99 9.99 22.12
N MET B 451 4.57 11.06 21.44
CA MET B 451 5.51 12.02 20.90
C MET B 451 5.03 13.40 21.22
N THR B 452 5.93 14.37 21.13
CA THR B 452 5.61 15.75 21.45
C THR B 452 6.04 16.70 20.32
N ALA B 453 5.11 17.52 19.86
CA ALA B 453 5.40 18.45 18.79
C ALA B 453 4.53 19.70 18.83
N PRO B 454 5.09 20.84 18.37
CA PRO B 454 4.35 22.11 18.36
C PRO B 454 3.07 21.90 17.56
N ALA B 455 1.93 22.28 18.13
CA ALA B 455 0.66 22.08 17.45
C ALA B 455 0.66 22.66 16.03
N TYR B 456 -0.18 22.09 15.17
CA TYR B 456 -0.30 22.53 13.79
C TYR B 456 -0.98 23.90 13.74
N VAL B 457 -0.44 24.79 12.90
CA VAL B 457 -1.01 26.13 12.73
C VAL B 457 -1.47 26.37 11.28
N PRO B 458 -2.80 26.42 11.06
CA PRO B 458 -3.37 26.65 9.73
C PRO B 458 -2.76 27.86 9.01
N GLY B 459 -3.00 27.95 7.71
CA GLY B 459 -2.47 29.05 6.91
C GLY B 459 -0.96 29.05 6.84
N THR B 460 -0.34 28.03 7.44
CA THR B 460 1.12 27.93 7.43
C THR B 460 1.59 26.91 6.40
N THR B 461 2.79 27.15 5.87
CA THR B 461 3.39 26.25 4.90
C THR B 461 4.53 25.54 5.62
N TYR B 462 4.45 24.21 5.65
CA TYR B 462 5.47 23.40 6.32
C TYR B 462 6.48 22.78 5.37
N ALA B 463 7.73 22.77 5.79
CA ALA B 463 8.79 22.17 4.99
C ALA B 463 8.67 20.65 5.16
N GLN B 464 9.52 19.90 4.48
CA GLN B 464 9.47 18.46 4.60
C GLN B 464 10.07 18.03 5.93
N GLY B 465 9.44 17.02 6.56
CA GLY B 465 9.94 16.51 7.83
C GLY B 465 9.48 17.26 9.06
N ALA B 466 8.71 18.32 8.86
CA ALA B 466 8.21 19.10 9.98
C ALA B 466 7.33 18.18 10.82
N LEU B 467 7.34 18.40 12.14
CA LEU B 467 6.54 17.61 13.06
C LEU B 467 5.54 18.52 13.76
N VAL B 468 4.29 18.07 13.84
CA VAL B 468 3.25 18.85 14.48
C VAL B 468 2.24 17.95 15.15
N SER B 469 1.55 18.48 16.15
CA SER B 469 0.52 17.70 16.83
C SER B 469 -0.81 18.23 16.30
N TYR B 470 -1.78 17.35 16.15
CA TYR B 470 -3.06 17.76 15.62
C TYR B 470 -4.10 16.65 15.78
N GLN B 471 -5.20 16.99 16.43
CA GLN B 471 -6.29 16.05 16.66
C GLN B 471 -5.91 14.68 17.23
N GLY B 472 -5.08 14.68 18.27
CA GLY B 472 -4.69 13.43 18.89
C GLY B 472 -3.38 12.80 18.48
N TYR B 473 -2.77 13.26 17.39
CA TYR B 473 -1.51 12.67 16.94
C TYR B 473 -0.43 13.66 16.56
N VAL B 474 0.78 13.13 16.41
CA VAL B 474 1.93 13.91 15.99
C VAL B 474 2.10 13.48 14.54
N TRP B 475 2.21 14.45 13.63
CA TRP B 475 2.32 14.17 12.20
C TRP B 475 3.59 14.73 11.60
N GLN B 476 4.16 14.01 10.63
CA GLN B 476 5.37 14.47 9.95
C GLN B 476 5.12 14.57 8.44
N THR B 477 5.59 15.65 7.82
CA THR B 477 5.40 15.87 6.38
C THR B 477 6.38 15.03 5.58
N LYS B 478 5.93 14.49 4.45
CA LYS B 478 6.79 13.66 3.61
C LYS B 478 7.50 14.43 2.49
N TRP B 479 7.09 15.68 2.29
CA TRP B 479 7.71 16.55 1.27
C TRP B 479 7.43 18.02 1.59
N GLY B 480 7.99 18.93 0.80
CA GLY B 480 7.84 20.36 1.08
C GLY B 480 6.58 21.09 0.66
N TYR B 481 6.45 22.33 1.14
CA TYR B 481 5.32 23.21 0.85
C TYR B 481 3.95 22.65 1.17
N ILE B 482 3.77 22.13 2.36
CA ILE B 482 2.47 21.57 2.75
C ILE B 482 1.60 22.68 3.33
N THR B 483 0.35 22.72 2.86
CA THR B 483 -0.60 23.72 3.34
C THR B 483 -1.97 23.07 3.45
N SER B 484 -1.95 21.73 3.51
CA SER B 484 -3.18 20.94 3.56
C SER B 484 -3.75 20.49 4.91
N ALA B 485 -2.98 20.66 5.99
CA ALA B 485 -3.43 20.23 7.32
C ALA B 485 -3.40 18.71 7.46
N PRO B 486 -2.82 18.20 8.55
CA PRO B 486 -2.70 16.77 8.84
C PRO B 486 -4.01 16.00 8.91
N GLY B 487 -3.96 14.73 8.49
CA GLY B 487 -5.13 13.88 8.56
C GLY B 487 -6.02 13.78 7.34
N SER B 488 -6.07 14.85 6.55
CA SER B 488 -6.91 14.90 5.36
C SER B 488 -6.30 14.30 4.09
N ASP B 489 -5.25 14.94 3.58
CA ASP B 489 -4.60 14.47 2.36
C ASP B 489 -3.62 13.32 2.61
N SER B 490 -2.51 13.33 1.89
CA SER B 490 -1.50 12.29 1.99
C SER B 490 -0.11 12.84 2.24
N ALA B 491 -0.01 14.14 2.44
CA ALA B 491 1.28 14.77 2.67
C ALA B 491 1.79 14.50 4.09
N TRP B 492 0.88 14.22 5.02
CA TRP B 492 1.27 13.99 6.41
C TRP B 492 1.28 12.53 6.83
N LEU B 493 2.27 12.17 7.65
CA LEU B 493 2.41 10.83 8.17
C LEU B 493 2.21 10.81 9.69
N LYS B 494 1.29 9.98 10.16
CA LYS B 494 1.04 9.83 11.59
C LYS B 494 2.22 9.07 12.22
N VAL B 495 3.02 9.74 13.06
CA VAL B 495 4.16 9.07 13.70
C VAL B 495 4.08 8.88 15.21
N GLY B 496 3.15 9.57 15.86
CA GLY B 496 3.04 9.40 17.30
C GLY B 496 1.71 9.81 17.87
N ARG B 497 1.51 9.54 19.15
CA ARG B 497 0.30 9.91 19.85
C ARG B 497 0.59 11.04 20.82
N VAL B 498 -0.39 11.92 20.99
CA VAL B 498 -0.27 13.05 21.90
C VAL B 498 -0.69 12.56 23.29
N ALA B 499 -0.03 13.04 24.33
CA ALA B 499 -0.38 12.62 25.68
C ALA B 499 -1.63 13.35 26.16
#